data_8ON3
#
_entry.id   8ON3
#
_cell.length_a   110.920
_cell.length_b   75.250
_cell.length_c   70.870
_cell.angle_alpha   90.00
_cell.angle_beta   111.09
_cell.angle_gamma   90.00
#
_symmetry.space_group_name_H-M   'C 1 2 1'
#
loop_
_entity.id
_entity.type
_entity.pdbx_description
1 polymer 'Carbon monoxide dehydrogenase 2'
2 non-polymer 'IRON/SULFUR CLUSTER'
3 non-polymer 'FE2/S2 (INORGANIC) CLUSTER'
4 non-polymer 'Fe-S cluster'
5 non-polymer 'FE (II) ION'
6 non-polymer DI(HYDROXYETHYL)ETHER
7 non-polymer 'FE (III) ION'
8 water water
#
_entity_poly.entity_id   1
_entity_poly.type   'polypeptide(L)'
_entity_poly.pdbx_seq_one_letter_code
;MAKQNLKSTDRAVQQMLDKAKREGIQTVWDRYEAMKPQCGFGETGLCCRHCLQGPCRINPFGDEPKVGICGATAEVIVAR
GLDRSIAAGAAGHSGHAKHLAHTLKKAVQGKAASYMIKDRTKLHSIAKRLGIPTEGQKDEDIALEVAKAALADFHEKDTP
VLWVTTVLPPSRVKVLSAHGLIPAGIDHEIAEIMHRTSMGCDADAQNLLLGGLRCSLADLAGCYMGTDLADILFGTPAPV
VTESNLGVLKADAVNVAVHGHNPVLSDIIVSVSKEMENEARAAGATGINVVGI(CSO)CTGNEVLMRHGIPACTHSVSQE
MAMITGALDAMILDYQCIQPSVATIAECTGTTVITTMEMSKITGATHVNFAEEAAVENAKQILRLAIDTFKRRKGKPVEI
PNIKTKVVAGFSTEAIINALSKLNANDPLKPLIDNVVNGNIRGVCLFAGCNNVKVPQDQNFTTIARKLLKQNVLVVATGC
GAGALMRHGFMDPANVDELCGDGLKAVLTAIGEANGLGGPLPPVLHMGSCVDNSRAVALVAALANRLGVDLDRLPVVASA
AEAMHEKAVAIGTWAVTIGLPTHIGVLPPITGSLPVTQILTSSVKDITGGYFIVELDPETAADKLLAAINERRAGLGLPW
;
_entity_poly.pdbx_strand_id   X
#
loop_
_chem_comp.id
_chem_comp.type
_chem_comp.name
_chem_comp.formula
FE non-polymer 'FE (III) ION' 'Fe 3'
FE2 non-polymer 'FE (II) ION' 'Fe 2'
FES non-polymer 'FE2/S2 (INORGANIC) CLUSTER' 'Fe2 S2'
PEG non-polymer DI(HYDROXYETHYL)ETHER 'C4 H10 O3'
SF4 non-polymer 'IRON/SULFUR CLUSTER' 'Fe4 S4'
VV2 non-polymer 'Fe-S cluster' 'Fe4 S3'
#
# COMPACT_ATOMS: atom_id res chain seq x y z
N GLN A 4 4.04 -8.50 26.09
CA GLN A 4 3.89 -8.59 24.62
C GLN A 4 3.01 -7.46 24.06
N ASN A 5 2.23 -6.83 24.92
CA ASN A 5 1.46 -5.68 24.46
C ASN A 5 2.36 -4.49 24.13
N LEU A 6 3.63 -4.53 24.54
CA LEU A 6 4.60 -3.53 24.10
C LEU A 6 5.07 -3.80 22.68
N LYS A 7 4.96 -5.04 22.21
CA LYS A 7 5.36 -5.41 20.86
C LYS A 7 4.22 -5.20 19.87
N SER A 8 3.03 -5.65 20.21
CA SER A 8 1.89 -5.57 19.31
C SER A 8 0.61 -5.39 20.09
N THR A 9 -0.26 -4.52 19.57
CA THR A 9 -1.59 -4.38 20.16
C THR A 9 -2.55 -5.48 19.76
N ASP A 10 -2.15 -6.41 18.91
CA ASP A 10 -3.04 -7.42 18.36
C ASP A 10 -2.96 -8.66 19.22
N ARG A 11 -4.11 -9.06 19.81
CA ARG A 11 -4.05 -10.11 20.81
C ARG A 11 -3.65 -11.45 20.21
N ALA A 12 -3.98 -11.66 18.93
CA ALA A 12 -3.55 -12.88 18.27
C ALA A 12 -2.03 -12.92 18.14
N VAL A 13 -1.44 -11.77 17.83
CA VAL A 13 0.01 -11.68 17.70
C VAL A 13 0.66 -11.93 19.05
N GLN A 14 0.10 -11.33 20.10
CA GLN A 14 0.55 -11.58 21.45
C GLN A 14 0.56 -13.06 21.75
N GLN A 15 -0.53 -13.75 21.46
CA GLN A 15 -0.57 -15.18 21.70
C GLN A 15 0.58 -15.88 20.99
N MET A 16 0.83 -15.54 19.74
CA MET A 16 1.87 -16.27 19.04
C MET A 16 3.26 -15.87 19.48
N LEU A 17 3.43 -14.62 19.94
CA LEU A 17 4.71 -14.24 20.50
C LEU A 17 5.06 -15.06 21.74
N ASP A 18 4.09 -15.31 22.63
CA ASP A 18 4.33 -16.23 23.74
C ASP A 18 4.74 -17.63 23.26
N LYS A 19 4.06 -18.14 22.21
CA LYS A 19 4.43 -19.44 21.66
C LYS A 19 5.86 -19.40 21.11
N ALA A 20 6.18 -18.38 20.33
CA ALA A 20 7.52 -18.28 19.77
C ALA A 20 8.56 -18.22 20.88
N LYS A 21 8.25 -17.52 21.98
CA LYS A 21 9.23 -17.40 23.06
C LYS A 21 9.49 -18.74 23.73
N ARG A 22 8.45 -19.50 24.09
CA ARG A 22 8.76 -20.77 24.75
C ARG A 22 9.38 -21.76 23.79
N GLU A 23 9.21 -21.59 22.48
CA GLU A 23 9.75 -22.54 21.53
C GLU A 23 11.13 -22.15 21.03
N GLY A 24 11.64 -21.00 21.45
CA GLY A 24 12.94 -20.55 21.00
C GLY A 24 13.01 -19.99 19.60
N ILE A 25 11.90 -19.59 18.98
CA ILE A 25 11.92 -19.07 17.61
C ILE A 25 12.07 -17.56 17.69
N GLN A 26 13.18 -17.04 17.09
CA GLN A 26 13.49 -15.62 17.08
C GLN A 26 12.50 -14.90 16.18
N THR A 27 12.04 -13.72 16.63
CA THR A 27 11.09 -12.94 15.85
C THR A 27 11.70 -11.63 15.38
N VAL A 28 10.91 -10.93 14.58
CA VAL A 28 11.26 -9.57 14.18
C VAL A 28 11.49 -8.69 15.41
N TRP A 29 10.73 -8.91 16.48
CA TRP A 29 10.88 -8.07 17.66
C TRP A 29 12.18 -8.37 18.40
N ASP A 30 12.58 -9.64 18.39
CA ASP A 30 13.82 -10.07 19.00
C ASP A 30 15.02 -9.50 18.23
N ARG A 31 14.95 -9.52 16.89
CA ARG A 31 16.02 -8.96 16.08
C ARG A 31 16.14 -7.46 16.24
N TYR A 32 15.01 -6.77 16.41
CA TYR A 32 15.01 -5.33 16.75
C TYR A 32 15.69 -5.08 18.09
N GLU A 33 15.27 -5.78 19.15
CA GLU A 33 15.93 -5.59 20.44
C GLU A 33 17.43 -5.78 20.32
N ALA A 34 17.86 -6.79 19.57
CA ALA A 34 19.29 -7.06 19.44
C ALA A 34 20.00 -5.98 18.64
N MET A 35 19.28 -5.15 17.88
CA MET A 35 19.87 -4.06 17.13
C MET A 35 20.00 -2.78 17.95
N LYS A 36 19.39 -2.69 19.14
CA LYS A 36 19.44 -1.44 19.91
C LYS A 36 20.79 -1.29 20.63
N PRO A 37 21.31 -0.04 20.75
CA PRO A 37 20.82 1.22 20.19
C PRO A 37 21.18 1.25 18.72
N GLN A 38 20.28 1.71 17.87
CA GLN A 38 20.55 1.82 16.44
C GLN A 38 21.43 3.03 16.18
N CYS A 39 22.02 3.04 15.00
CA CYS A 39 23.03 4.05 14.70
C CYS A 39 22.39 5.41 14.55
N GLY A 40 22.88 6.38 15.33
CA GLY A 40 22.35 7.73 15.25
C GLY A 40 22.60 8.44 13.95
N PHE A 41 23.74 8.19 13.31
CA PHE A 41 23.97 8.84 12.02
C PHE A 41 22.97 8.37 10.97
N GLY A 42 22.77 7.05 10.87
CA GLY A 42 21.73 6.50 10.02
C GLY A 42 20.36 7.06 10.31
N GLU A 43 19.98 7.10 11.59
CA GLU A 43 18.62 7.49 11.94
C GLU A 43 18.33 8.93 11.53
N THR A 44 19.32 9.81 11.63
CA THR A 44 19.19 11.21 11.30
C THR A 44 19.43 11.48 9.83
N GLY A 45 19.89 10.49 9.08
CA GLY A 45 20.23 10.65 7.70
C GLY A 45 21.63 11.17 7.45
N LEU A 46 22.43 11.35 8.50
CA LEU A 46 23.78 11.92 8.33
C LEU A 46 24.82 10.82 8.12
N CYS A 47 24.59 10.03 7.06
CA CYS A 47 25.55 9.01 6.66
C CYS A 47 25.43 8.85 5.17
N CYS A 48 26.57 8.80 4.49
CA CYS A 48 26.62 8.61 3.04
C CYS A 48 27.62 7.53 2.72
N ARG A 49 27.20 6.57 1.90
CA ARG A 49 28.11 5.56 1.36
C ARG A 49 28.08 5.53 -0.16
N HIS A 50 27.89 6.67 -0.79
CA HIS A 50 27.75 6.74 -2.23
C HIS A 50 29.06 6.69 -2.99
N CYS A 51 30.21 6.58 -2.32
CA CYS A 51 31.44 6.22 -3.02
C CYS A 51 32.35 5.53 -2.03
N LEU A 52 33.47 5.00 -2.54
CA LEU A 52 34.40 4.18 -1.76
C LEU A 52 35.38 5.00 -0.97
N GLN A 53 35.21 6.32 -0.97
CA GLN A 53 35.88 7.13 -0.01
C GLN A 53 35.19 7.10 1.33
N GLY A 54 33.93 6.67 1.38
CA GLY A 54 33.20 6.63 2.63
C GLY A 54 33.46 5.33 3.35
N PRO A 55 32.68 5.05 4.35
CA PRO A 55 31.47 5.76 4.76
C PRO A 55 31.82 7.14 5.31
N CYS A 56 31.01 8.13 4.94
CA CYS A 56 31.07 9.44 5.56
C CYS A 56 29.90 9.62 6.51
N ARG A 57 30.18 10.19 7.67
CA ARG A 57 29.13 10.56 8.58
C ARG A 57 29.34 12.00 9.02
N ILE A 58 28.28 12.59 9.57
CA ILE A 58 28.34 13.94 10.11
C ILE A 58 27.74 13.90 11.51
N ASN A 59 28.45 14.43 12.47
CA ASN A 59 27.87 14.54 13.80
C ASN A 59 26.65 15.45 13.77
N PRO A 60 25.44 14.94 14.16
CA PRO A 60 24.29 15.86 14.29
C PRO A 60 24.70 17.15 14.98
N PHE A 61 25.46 17.03 16.07
CA PHE A 61 25.98 18.18 16.80
C PHE A 61 27.34 17.87 17.39
N GLY A 62 28.11 18.93 17.61
CA GLY A 62 29.42 18.83 18.22
C GLY A 62 30.51 19.26 17.25
N ASP A 63 31.62 18.55 17.27
CA ASP A 63 32.78 18.87 16.48
C ASP A 63 32.87 17.94 15.25
N GLU A 64 34.06 17.76 14.72
CA GLU A 64 34.18 17.07 13.44
C GLU A 64 33.89 15.58 13.63
N PRO A 65 33.39 14.91 12.59
CA PRO A 65 33.16 15.37 11.21
C PRO A 65 31.94 16.25 11.00
N LYS A 66 32.13 17.39 10.34
CA LYS A 66 31.05 18.28 10.00
C LYS A 66 30.56 18.17 8.56
N VAL A 67 31.31 17.51 7.68
CA VAL A 67 31.04 17.56 6.25
C VAL A 67 31.60 16.30 5.60
N GLY A 68 31.00 15.91 4.49
CA GLY A 68 31.48 14.75 3.79
C GLY A 68 32.87 14.96 3.21
N ILE A 69 33.56 13.86 2.98
CA ILE A 69 34.94 13.95 2.47
C ILE A 69 35.01 14.77 1.19
N CYS A 70 34.04 14.59 0.28
CA CYS A 70 34.04 15.29 -1.00
C CYS A 70 33.52 16.72 -0.90
N GLY A 71 33.11 17.15 0.31
CA GLY A 71 32.45 18.42 0.52
C GLY A 71 30.92 18.33 0.60
N ALA A 72 30.33 17.15 0.43
CA ALA A 72 28.87 17.02 0.56
C ALA A 72 28.43 17.47 1.96
N THR A 73 27.59 18.48 2.02
CA THR A 73 27.04 18.97 3.29
C THR A 73 25.95 18.03 3.86
N ALA A 74 25.56 18.33 5.10
CA ALA A 74 24.45 17.62 5.72
C ALA A 74 23.21 17.71 4.85
N GLU A 75 22.94 18.88 4.30
CA GLU A 75 21.68 18.96 3.58
CA GLU A 75 21.74 19.09 3.50
C GLU A 75 21.76 18.21 2.25
N VAL A 76 22.90 18.16 1.57
CA VAL A 76 23.01 17.33 0.38
C VAL A 76 22.91 15.85 0.72
N ILE A 77 23.60 15.43 1.76
CA ILE A 77 23.63 14.03 2.11
C ILE A 77 22.22 13.57 2.44
N VAL A 78 21.50 14.36 3.25
CA VAL A 78 20.16 13.94 3.63
C VAL A 78 19.24 13.90 2.41
N ALA A 79 19.29 14.93 1.55
CA ALA A 79 18.42 14.95 0.39
C ALA A 79 18.76 13.82 -0.58
N ARG A 80 20.04 13.47 -0.70
CA ARG A 80 20.42 12.38 -1.58
C ARG A 80 19.91 11.06 -1.09
N GLY A 81 20.05 10.79 0.23
CA GLY A 81 19.51 9.54 0.76
C GLY A 81 18.00 9.45 0.56
N LEU A 82 17.29 10.53 0.83
CA LEU A 82 15.85 10.52 0.66
C LEU A 82 15.47 10.30 -0.79
N ASP A 83 16.17 10.95 -1.74
CA ASP A 83 15.85 10.74 -3.14
C ASP A 83 16.01 9.28 -3.54
N ARG A 84 17.07 8.62 -3.09
CA ARG A 84 17.21 7.21 -3.45
C ARG A 84 16.08 6.33 -2.91
N SER A 85 15.60 6.60 -1.69
CA SER A 85 14.49 5.84 -1.16
CA SER A 85 14.48 5.86 -1.13
C SER A 85 13.23 6.05 -1.97
N ILE A 86 12.96 7.28 -2.39
CA ILE A 86 11.82 7.50 -3.29
C ILE A 86 11.98 6.72 -4.58
N ALA A 87 13.18 6.75 -5.17
CA ALA A 87 13.41 6.05 -6.41
C ALA A 87 13.27 4.55 -6.26
N ALA A 88 13.72 4.01 -5.11
CA ALA A 88 13.52 2.59 -4.81
C ALA A 88 12.04 2.26 -4.65
N GLY A 89 11.29 3.09 -3.95
CA GLY A 89 9.85 2.83 -3.84
C GLY A 89 9.17 2.82 -5.19
N ALA A 90 9.52 3.81 -6.02
CA ALA A 90 8.99 3.92 -7.37
C ALA A 90 9.32 2.69 -8.20
N ALA A 91 10.50 2.11 -7.95
CA ALA A 91 10.97 0.94 -8.68
C ALA A 91 10.15 -0.28 -8.30
N GLY A 92 9.66 -0.34 -7.06
CA GLY A 92 8.84 -1.47 -6.66
C GLY A 92 7.43 -1.36 -7.20
N HIS A 93 6.81 -0.19 -7.04
CA HIS A 93 5.44 -0.02 -7.55
C HIS A 93 5.40 -0.07 -9.07
N SER A 94 6.38 0.53 -9.75
CA SER A 94 6.34 0.51 -11.21
C SER A 94 6.76 -0.85 -11.76
N GLY A 95 7.63 -1.58 -11.06
CA GLY A 95 7.94 -2.95 -11.48
C GLY A 95 6.73 -3.85 -11.39
N HIS A 96 5.98 -3.74 -10.30
CA HIS A 96 4.70 -4.44 -10.16
C HIS A 96 3.80 -4.14 -11.35
N ALA A 97 3.63 -2.85 -11.66
CA ALA A 97 2.76 -2.42 -12.75
C ALA A 97 3.25 -2.94 -14.09
N LYS A 98 4.55 -2.79 -14.36
CA LYS A 98 5.13 -3.29 -15.61
C LYS A 98 4.84 -4.76 -15.82
N HIS A 99 4.87 -5.53 -14.73
CA HIS A 99 4.63 -6.97 -14.83
CA HIS A 99 4.65 -6.96 -14.88
C HIS A 99 3.20 -7.26 -15.29
N LEU A 100 2.22 -6.55 -14.70
CA LEU A 100 0.83 -6.68 -15.12
C LEU A 100 0.63 -6.20 -16.56
N ALA A 101 1.36 -5.16 -17.01
CA ALA A 101 1.27 -4.73 -18.39
C ALA A 101 1.67 -5.86 -19.35
N HIS A 102 2.79 -6.52 -19.04
CA HIS A 102 3.21 -7.66 -19.86
C HIS A 102 2.20 -8.79 -19.76
N THR A 103 1.63 -9.01 -18.56
CA THR A 103 0.61 -10.05 -18.40
C THR A 103 -0.62 -9.76 -19.28
N LEU A 104 -1.08 -8.51 -19.30
CA LEU A 104 -2.23 -8.13 -20.10
C LEU A 104 -1.92 -8.26 -21.59
N LYS A 105 -0.72 -7.85 -22.00
CA LYS A 105 -0.32 -8.00 -23.39
C LYS A 105 -0.34 -9.47 -23.79
N LYS A 106 0.22 -10.34 -22.94
CA LYS A 106 0.23 -11.76 -23.22
C LYS A 106 -1.19 -12.29 -23.33
N ALA A 107 -2.08 -11.93 -22.39
CA ALA A 107 -3.46 -12.43 -22.39
C ALA A 107 -4.11 -12.26 -23.75
N VAL A 108 -4.10 -11.05 -24.29
CA VAL A 108 -4.93 -10.74 -25.46
C VAL A 108 -4.18 -11.00 -26.77
N GLN A 109 -3.01 -11.62 -26.66
CA GLN A 109 -2.32 -12.15 -27.83
C GLN A 109 -2.38 -13.67 -27.90
N GLY A 110 -3.23 -14.30 -27.09
CA GLY A 110 -3.40 -15.74 -27.09
C GLY A 110 -2.34 -16.53 -26.34
N LYS A 111 -1.42 -15.86 -25.65
CA LYS A 111 -0.27 -16.55 -25.08
C LYS A 111 -0.57 -17.21 -23.74
N ALA A 112 -1.49 -16.66 -22.95
CA ALA A 112 -1.72 -17.12 -21.56
C ALA A 112 -3.23 -17.07 -21.32
N ALA A 113 -3.89 -18.14 -21.71
CA ALA A 113 -5.35 -18.26 -21.63
C ALA A 113 -5.87 -18.26 -20.20
N SER A 114 -4.99 -18.35 -19.19
CA SER A 114 -5.46 -18.26 -17.81
C SER A 114 -5.76 -16.82 -17.42
N TYR A 115 -5.39 -15.87 -18.26
CA TYR A 115 -5.67 -14.47 -18.05
C TYR A 115 -6.60 -13.98 -19.16
N MET A 116 -7.36 -12.93 -18.86
CA MET A 116 -8.37 -12.45 -19.77
C MET A 116 -8.75 -11.04 -19.39
N ILE A 117 -9.43 -10.34 -20.30
CA ILE A 117 -10.08 -9.08 -19.92
C ILE A 117 -11.31 -9.43 -19.10
N LYS A 118 -11.24 -9.21 -17.80
CA LYS A 118 -12.39 -9.52 -16.95
C LYS A 118 -13.29 -8.31 -16.73
N ASP A 119 -12.74 -7.10 -16.69
CA ASP A 119 -13.55 -5.91 -16.51
C ASP A 119 -13.51 -5.07 -17.78
N ARG A 120 -14.49 -5.27 -18.63
CA ARG A 120 -14.51 -4.58 -19.91
C ARG A 120 -14.82 -3.10 -19.74
N THR A 121 -15.72 -2.76 -18.83
CA THR A 121 -16.00 -1.36 -18.51
C THR A 121 -14.73 -0.62 -18.15
N LYS A 122 -13.92 -1.21 -17.25
CA LYS A 122 -12.69 -0.54 -16.83
C LYS A 122 -11.73 -0.37 -18.00
N LEU A 123 -11.62 -1.40 -18.83
CA LEU A 123 -10.74 -1.31 -19.98
C LEU A 123 -11.14 -0.17 -20.88
N HIS A 124 -12.43 -0.06 -21.17
CA HIS A 124 -12.90 1.01 -22.05
C HIS A 124 -12.76 2.36 -21.38
N SER A 125 -12.94 2.46 -20.06
CA SER A 125 -12.81 3.77 -19.43
C SER A 125 -11.36 4.22 -19.38
N ILE A 126 -10.44 3.28 -19.10
CA ILE A 126 -9.01 3.58 -19.16
C ILE A 126 -8.62 4.03 -20.57
N ALA A 127 -9.08 3.30 -21.59
CA ALA A 127 -8.79 3.70 -22.97
C ALA A 127 -9.25 5.12 -23.23
N LYS A 128 -10.50 5.43 -22.89
CA LYS A 128 -10.99 6.79 -23.09
C LYS A 128 -10.14 7.80 -22.32
N ARG A 129 -9.76 7.47 -21.08
CA ARG A 129 -8.98 8.39 -20.27
C ARG A 129 -7.63 8.68 -20.91
N LEU A 130 -7.05 7.69 -21.58
CA LEU A 130 -5.75 7.81 -22.22
C LEU A 130 -5.81 8.40 -23.63
N GLY A 131 -7.00 8.47 -24.23
CA GLY A 131 -7.11 8.92 -25.61
C GLY A 131 -7.08 7.82 -26.63
N ILE A 132 -7.18 6.56 -26.22
CA ILE A 132 -7.08 5.42 -27.12
C ILE A 132 -8.46 5.24 -27.76
N PRO A 133 -8.57 5.25 -29.08
CA PRO A 133 -9.89 5.03 -29.69
C PRO A 133 -10.46 3.68 -29.31
N THR A 134 -11.76 3.67 -29.06
CA THR A 134 -12.48 2.45 -28.75
C THR A 134 -13.54 2.16 -29.79
N GLU A 135 -14.02 3.18 -30.48
CA GLU A 135 -15.09 3.05 -31.44
C GLU A 135 -14.65 2.18 -32.61
N GLY A 136 -15.31 1.03 -32.76
CA GLY A 136 -15.01 0.13 -33.87
C GLY A 136 -13.87 -0.83 -33.66
N GLN A 137 -13.33 -0.91 -32.45
CA GLN A 137 -12.18 -1.75 -32.14
C GLN A 137 -12.61 -3.01 -31.40
N LYS A 138 -11.86 -4.09 -31.60
CA LYS A 138 -12.04 -5.26 -30.75
C LYS A 138 -11.42 -5.00 -29.37
N ASP A 139 -12.00 -5.61 -28.34
CA ASP A 139 -11.49 -5.45 -26.99
C ASP A 139 -10.02 -5.84 -26.89
N GLU A 140 -9.63 -6.92 -27.55
CA GLU A 140 -8.26 -7.38 -27.48
C GLU A 140 -7.30 -6.33 -28.02
N ASP A 141 -7.76 -5.51 -28.98
CA ASP A 141 -6.93 -4.49 -29.62
C ASP A 141 -6.86 -3.20 -28.80
N ILE A 142 -7.97 -2.81 -28.17
CA ILE A 142 -7.94 -1.71 -27.22
C ILE A 142 -7.00 -2.06 -26.08
N ALA A 143 -7.12 -3.28 -25.56
CA ALA A 143 -6.25 -3.76 -24.48
C ALA A 143 -4.80 -3.82 -24.89
N LEU A 144 -4.54 -4.16 -26.15
CA LEU A 144 -3.18 -4.10 -26.64
C LEU A 144 -2.66 -2.68 -26.58
N GLU A 145 -3.50 -1.72 -26.97
CA GLU A 145 -3.10 -0.32 -26.98
C GLU A 145 -2.86 0.19 -25.57
N VAL A 146 -3.70 -0.24 -24.61
CA VAL A 146 -3.52 0.16 -23.22
C VAL A 146 -2.24 -0.42 -22.62
N ALA A 147 -1.93 -1.67 -22.94
CA ALA A 147 -0.70 -2.22 -22.40
C ALA A 147 0.50 -1.56 -23.07
N LYS A 148 0.42 -1.32 -24.38
CA LYS A 148 1.49 -0.60 -25.05
C LYS A 148 1.70 0.76 -24.41
N ALA A 149 0.60 1.47 -24.13
CA ALA A 149 0.75 2.78 -23.52
C ALA A 149 1.31 2.69 -22.11
N ALA A 150 0.94 1.63 -21.37
CA ALA A 150 1.49 1.46 -20.03
C ALA A 150 3.00 1.30 -20.12
N LEU A 151 3.45 0.36 -20.94
CA LEU A 151 4.89 0.15 -21.12
C LEU A 151 5.55 1.42 -21.65
N ALA A 152 4.87 2.19 -22.48
CA ALA A 152 5.48 3.41 -23.03
C ALA A 152 5.78 4.46 -21.96
N ASP A 153 4.99 4.51 -20.90
CA ASP A 153 5.23 5.47 -19.85
C ASP A 153 6.50 5.19 -19.05
N PHE A 154 7.20 4.09 -19.27
CA PHE A 154 8.42 3.87 -18.49
C PHE A 154 9.64 4.61 -19.07
N HIS A 155 9.57 5.09 -20.31
CA HIS A 155 10.69 5.72 -20.98
C HIS A 155 10.28 7.07 -21.55
N GLU A 156 11.27 7.85 -21.99
CA GLU A 156 10.97 9.10 -22.64
C GLU A 156 10.23 8.86 -23.94
N LYS A 157 9.45 9.85 -24.36
CA LYS A 157 8.69 9.82 -25.59
C LYS A 157 8.17 11.23 -25.85
N ASP A 158 7.26 11.36 -26.82
CA ASP A 158 6.74 12.67 -27.21
CA ASP A 158 6.77 12.69 -27.21
C ASP A 158 5.78 13.26 -26.20
N THR A 159 5.29 12.45 -25.27
CA THR A 159 4.44 12.90 -24.19
C THR A 159 5.06 12.61 -22.82
N PRO A 160 4.71 13.38 -21.81
CA PRO A 160 5.08 12.98 -20.44
C PRO A 160 4.34 11.71 -20.02
N VAL A 161 4.56 11.29 -18.77
CA VAL A 161 3.94 10.07 -18.26
C VAL A 161 2.43 10.27 -18.17
N LEU A 162 1.69 9.46 -18.95
CA LEU A 162 0.26 9.66 -19.03
C LEU A 162 -0.48 9.22 -17.77
N TRP A 163 0.09 8.26 -17.03
CA TRP A 163 -0.52 7.86 -15.76
C TRP A 163 -0.18 8.84 -14.64
N VAL A 164 0.38 10.01 -14.97
CA VAL A 164 0.27 11.20 -14.14
C VAL A 164 -0.64 12.26 -14.76
N THR A 165 -0.38 12.64 -16.02
CA THR A 165 -1.06 13.79 -16.62
C THR A 165 -2.53 13.53 -16.92
N THR A 166 -2.95 12.28 -17.06
CA THR A 166 -4.36 12.04 -17.29
C THR A 166 -5.13 11.69 -16.03
N VAL A 167 -4.50 11.60 -14.86
CA VAL A 167 -5.21 11.18 -13.65
C VAL A 167 -5.32 12.28 -12.62
N LEU A 168 -4.69 13.41 -12.81
CA LEU A 168 -4.83 14.58 -11.96
C LEU A 168 -5.49 15.73 -12.73
N PRO A 169 -6.14 16.65 -12.02
CA PRO A 169 -6.83 17.76 -12.71
C PRO A 169 -5.87 18.60 -13.51
N PRO A 170 -6.31 19.15 -14.65
CA PRO A 170 -5.44 20.07 -15.40
C PRO A 170 -4.81 21.14 -14.54
N SER A 171 -5.53 21.63 -13.53
CA SER A 171 -4.99 22.68 -12.67
C SER A 171 -3.79 22.18 -11.89
N ARG A 172 -3.87 20.94 -11.38
CA ARG A 172 -2.73 20.35 -10.65
C ARG A 172 -1.57 20.06 -11.59
N VAL A 173 -1.87 19.55 -12.80
CA VAL A 173 -0.78 19.28 -13.76
C VAL A 173 -0.04 20.56 -14.08
N LYS A 174 -0.79 21.66 -14.26
CA LYS A 174 -0.17 22.94 -14.58
C LYS A 174 0.74 23.40 -13.45
N VAL A 175 0.28 23.29 -12.19
CA VAL A 175 1.12 23.66 -11.04
C VAL A 175 2.42 22.86 -11.05
N LEU A 176 2.33 21.56 -11.34
CA LEU A 176 3.53 20.74 -11.30
C LEU A 176 4.41 21.01 -12.50
N SER A 177 3.81 21.28 -13.65
CA SER A 177 4.60 21.55 -14.85
CA SER A 177 4.59 21.56 -14.85
C SER A 177 5.41 22.85 -14.72
N ALA A 178 4.84 23.84 -14.03
CA ALA A 178 5.53 25.11 -13.85
C ALA A 178 6.85 24.92 -13.11
N HIS A 179 6.89 23.95 -12.21
CA HIS A 179 8.09 23.66 -11.44
C HIS A 179 8.88 22.49 -12.01
N GLY A 180 8.54 22.04 -13.21
CA GLY A 180 9.25 20.95 -13.84
C GLY A 180 9.12 19.62 -13.15
N LEU A 181 7.98 19.35 -12.54
CA LEU A 181 7.83 18.16 -11.71
C LEU A 181 7.08 17.02 -12.39
N ILE A 182 6.61 17.21 -13.61
CA ILE A 182 5.97 16.12 -14.36
C ILE A 182 7.04 15.13 -14.82
N PRO A 183 6.89 13.84 -14.52
CA PRO A 183 7.90 12.88 -14.95
C PRO A 183 7.87 12.65 -16.44
N ALA A 184 9.05 12.46 -16.99
CA ALA A 184 9.21 12.19 -18.41
C ALA A 184 9.08 10.73 -18.76
N GLY A 185 9.40 9.86 -17.82
CA GLY A 185 9.29 8.43 -17.97
C GLY A 185 9.55 7.79 -16.62
N ILE A 186 8.90 6.67 -16.30
CA ILE A 186 9.00 6.13 -14.94
C ILE A 186 10.41 5.63 -14.66
N ASP A 187 10.94 4.73 -15.50
CA ASP A 187 12.31 4.26 -15.22
C ASP A 187 13.31 5.34 -15.53
N HIS A 188 12.98 6.26 -16.43
CA HIS A 188 13.85 7.39 -16.71
C HIS A 188 14.09 8.23 -15.47
N GLU A 189 13.04 8.51 -14.70
CA GLU A 189 13.22 9.29 -13.48
C GLU A 189 13.94 8.48 -12.41
N ILE A 190 13.65 7.19 -12.28
CA ILE A 190 14.40 6.37 -11.33
C ILE A 190 15.89 6.47 -11.61
N ALA A 191 16.29 6.25 -12.86
CA ALA A 191 17.70 6.34 -13.22
C ALA A 191 18.28 7.72 -12.97
N GLU A 192 17.54 8.77 -13.33
CA GLU A 192 18.06 10.12 -13.15
C GLU A 192 18.32 10.41 -11.68
N ILE A 193 17.48 9.89 -10.79
CA ILE A 193 17.72 10.08 -9.36
C ILE A 193 19.04 9.44 -8.98
N MET A 194 19.24 8.20 -9.43
CA MET A 194 20.41 7.45 -8.98
C MET A 194 21.67 8.10 -9.51
N HIS A 195 21.55 8.70 -10.68
CA HIS A 195 22.64 9.47 -11.25
C HIS A 195 22.89 10.75 -10.47
N ARG A 196 21.85 11.58 -10.31
CA ARG A 196 22.08 12.89 -9.72
C ARG A 196 22.51 12.77 -8.26
N THR A 197 22.13 11.68 -7.58
CA THR A 197 22.55 11.46 -6.20
C THR A 197 23.89 10.75 -6.09
N SER A 198 24.50 10.32 -7.20
CA SER A 198 25.80 9.67 -7.17
C SER A 198 26.85 10.73 -6.88
N MET A 199 28.07 10.30 -6.52
CA MET A 199 29.06 11.24 -6.02
C MET A 199 29.40 12.29 -7.06
N GLY A 200 29.52 13.52 -6.59
CA GLY A 200 29.94 14.59 -7.44
C GLY A 200 28.95 15.06 -8.47
N CYS A 201 27.67 14.86 -8.24
CA CYS A 201 26.62 15.34 -9.15
C CYS A 201 25.82 16.42 -8.43
N ASP A 202 24.51 16.25 -8.28
CA ASP A 202 23.64 17.29 -7.72
C ASP A 202 24.00 17.53 -6.26
N ALA A 203 24.18 18.79 -5.89
CA ALA A 203 24.58 19.14 -4.53
C ALA A 203 23.90 20.42 -4.11
N ASP A 204 22.58 20.47 -4.30
CA ASP A 204 21.78 21.61 -3.88
C ASP A 204 20.49 20.99 -3.33
N ALA A 205 20.17 21.28 -2.07
CA ALA A 205 19.08 20.54 -1.46
C ALA A 205 17.76 20.77 -2.19
N GLN A 206 17.47 22.03 -2.54
CA GLN A 206 16.19 22.30 -3.19
CA GLN A 206 16.19 22.30 -3.19
C GLN A 206 16.12 21.61 -4.55
N ASN A 207 17.18 21.69 -5.34
CA ASN A 207 17.21 20.99 -6.61
C ASN A 207 17.05 19.49 -6.41
N LEU A 208 17.75 18.93 -5.43
CA LEU A 208 17.65 17.50 -5.18
C LEU A 208 16.23 17.12 -4.82
N LEU A 209 15.60 17.87 -3.93
CA LEU A 209 14.25 17.48 -3.50
C LEU A 209 13.23 17.71 -4.60
N LEU A 210 13.44 18.69 -5.48
CA LEU A 210 12.54 18.81 -6.62
C LEU A 210 12.60 17.54 -7.48
N GLY A 211 13.81 16.97 -7.62
CA GLY A 211 13.95 15.69 -8.29
C GLY A 211 13.17 14.60 -7.57
N GLY A 212 13.22 14.60 -6.23
CA GLY A 212 12.45 13.62 -5.45
C GLY A 212 10.96 13.70 -5.69
N LEU A 213 10.39 14.91 -5.65
CA LEU A 213 8.99 15.14 -5.99
C LEU A 213 8.64 14.57 -7.37
N ARG A 214 9.44 14.89 -8.39
CA ARG A 214 9.15 14.36 -9.71
C ARG A 214 9.20 12.84 -9.71
N CYS A 215 10.19 12.25 -9.06
CA CYS A 215 10.25 10.80 -9.06
C CYS A 215 9.13 10.18 -8.21
N SER A 216 8.66 10.89 -7.18
CA SER A 216 7.48 10.39 -6.47
C SER A 216 6.25 10.36 -7.38
N LEU A 217 6.14 11.31 -8.33
CA LEU A 217 5.04 11.26 -9.28
C LEU A 217 5.20 10.08 -10.22
N ALA A 218 6.45 9.68 -10.51
CA ALA A 218 6.67 8.43 -11.23
C ALA A 218 6.16 7.27 -10.43
N ASP A 219 6.35 7.31 -9.11
CA ASP A 219 5.79 6.26 -8.28
C ASP A 219 4.26 6.25 -8.31
N LEU A 220 3.63 7.42 -8.16
CA LEU A 220 2.17 7.51 -8.34
C LEU A 220 1.73 6.89 -9.65
N ALA A 221 2.47 7.15 -10.73
CA ALA A 221 2.04 6.64 -12.01
C ALA A 221 2.06 5.12 -12.01
N GLY A 222 3.09 4.52 -11.42
CA GLY A 222 3.14 3.07 -11.34
C GLY A 222 2.03 2.48 -10.49
N CYS A 223 1.71 3.15 -9.38
CA CYS A 223 0.61 2.74 -8.53
C CYS A 223 -0.70 2.71 -9.31
N TYR A 224 -0.98 3.80 -9.99
CA TYR A 224 -2.24 3.92 -10.71
C TYR A 224 -2.26 2.96 -11.90
N MET A 225 -1.15 2.77 -12.57
CA MET A 225 -1.08 1.77 -13.63
C MET A 225 -1.33 0.37 -13.09
N GLY A 226 -0.76 0.05 -11.93
CA GLY A 226 -0.97 -1.27 -11.37
C GLY A 226 -2.42 -1.52 -11.05
N THR A 227 -3.10 -0.51 -10.49
CA THR A 227 -4.50 -0.67 -10.12
C THR A 227 -5.36 -0.83 -11.35
N ASP A 228 -5.14 0.05 -12.35
CA ASP A 228 -5.83 -0.03 -13.63
C ASP A 228 -5.71 -1.41 -14.26
N LEU A 229 -4.46 -1.88 -14.42
CA LEU A 229 -4.23 -3.15 -15.09
C LEU A 229 -4.79 -4.33 -14.28
N ALA A 230 -4.62 -4.31 -12.96
CA ALA A 230 -5.12 -5.41 -12.13
C ALA A 230 -6.64 -5.44 -12.17
N ASP A 231 -7.27 -4.27 -12.22
CA ASP A 231 -8.74 -4.23 -12.36
C ASP A 231 -9.19 -4.81 -13.71
N ILE A 232 -8.55 -4.42 -14.81
CA ILE A 232 -8.91 -5.01 -16.10
C ILE A 232 -8.83 -6.53 -16.01
N LEU A 233 -7.70 -7.02 -15.49
CA LEU A 233 -7.37 -8.44 -15.53
C LEU A 233 -8.20 -9.25 -14.53
N PHE A 234 -8.49 -8.69 -13.36
CA PHE A 234 -9.00 -9.50 -12.27
C PHE A 234 -10.34 -9.02 -11.74
N GLY A 235 -10.80 -7.85 -12.17
CA GLY A 235 -12.11 -7.33 -11.82
C GLY A 235 -11.98 -6.16 -10.85
N THR A 236 -12.74 -5.12 -11.10
CA THR A 236 -12.74 -3.98 -10.21
C THR A 236 -13.47 -4.38 -8.93
N PRO A 237 -12.88 -4.13 -7.75
CA PRO A 237 -13.53 -4.50 -6.49
C PRO A 237 -14.89 -3.86 -6.31
N ALA A 238 -15.76 -4.62 -5.64
CA ALA A 238 -17.02 -4.11 -5.14
C ALA A 238 -17.22 -4.64 -3.73
N PRO A 239 -18.18 -4.09 -2.98
CA PRO A 239 -18.23 -4.42 -1.54
C PRO A 239 -18.37 -5.93 -1.29
N VAL A 240 -17.62 -6.40 -0.31
CA VAL A 240 -17.47 -7.82 -0.02
C VAL A 240 -17.31 -7.95 1.49
N VAL A 241 -17.73 -9.09 2.03
CA VAL A 241 -17.69 -9.40 3.46
C VAL A 241 -16.78 -10.59 3.66
N THR A 242 -15.85 -10.47 4.59
CA THR A 242 -14.98 -11.60 4.91
C THR A 242 -14.49 -11.43 6.33
N GLU A 243 -13.33 -11.98 6.65
CA GLU A 243 -12.83 -11.99 8.01
C GLU A 243 -11.32 -11.73 8.01
N SER A 244 -10.80 -11.39 9.17
CA SER A 244 -9.38 -11.13 9.31
C SER A 244 -8.86 -11.60 10.67
N ASN A 245 -7.58 -11.88 10.65
CA ASN A 245 -6.69 -12.21 11.76
C ASN A 245 -6.49 -13.71 11.84
N LEU A 246 -5.59 -14.16 12.73
CA LEU A 246 -5.08 -15.51 12.62
C LEU A 246 -6.16 -16.57 12.77
N GLY A 247 -7.23 -16.27 13.51
CA GLY A 247 -8.33 -17.21 13.66
C GLY A 247 -9.01 -17.64 12.36
N VAL A 248 -8.66 -17.03 11.22
CA VAL A 248 -9.16 -17.52 9.92
C VAL A 248 -8.43 -18.76 9.45
N LEU A 249 -7.31 -19.09 10.06
CA LEU A 249 -6.66 -20.35 9.83
C LEU A 249 -7.55 -21.44 10.37
N LYS A 250 -7.50 -22.59 9.70
CA LYS A 250 -8.36 -23.73 10.01
C LYS A 250 -7.50 -24.97 10.16
N ALA A 251 -7.45 -25.53 11.38
CA ALA A 251 -6.60 -26.68 11.62
C ALA A 251 -6.91 -27.82 10.66
N ASP A 252 -8.17 -28.03 10.33
CA ASP A 252 -8.59 -29.18 9.55
C ASP A 252 -8.53 -28.94 8.05
N ALA A 253 -8.03 -27.80 7.63
CA ALA A 253 -7.85 -27.51 6.23
C ALA A 253 -6.37 -27.33 5.90
N VAL A 254 -6.08 -27.41 4.61
CA VAL A 254 -4.79 -27.02 4.07
C VAL A 254 -4.76 -25.49 3.99
N ASN A 255 -3.97 -24.87 4.86
CA ASN A 255 -3.93 -23.41 4.91
C ASN A 255 -2.80 -22.91 4.02
N VAL A 256 -3.15 -22.06 3.06
CA VAL A 256 -2.21 -21.54 2.07
C VAL A 256 -2.24 -20.01 2.13
N ALA A 257 -1.13 -19.40 2.53
CA ALA A 257 -1.04 -17.94 2.52
C ALA A 257 -0.45 -17.46 1.21
N VAL A 258 -1.10 -16.47 0.60
CA VAL A 258 -0.54 -15.72 -0.50
C VAL A 258 -0.02 -14.41 0.07
N HIS A 259 1.23 -14.09 -0.24
CA HIS A 259 1.97 -13.08 0.47
C HIS A 259 2.88 -12.36 -0.52
N GLY A 260 3.02 -11.05 -0.35
CA GLY A 260 3.69 -10.20 -1.32
C GLY A 260 2.75 -9.11 -1.81
N HIS A 261 2.87 -8.75 -3.08
CA HIS A 261 2.20 -7.57 -3.65
C HIS A 261 1.49 -7.79 -4.97
N ASN A 262 2.12 -8.48 -5.89
CA ASN A 262 1.55 -8.65 -7.22
CA ASN A 262 1.57 -8.66 -7.23
C ASN A 262 0.66 -9.89 -7.27
N PRO A 263 -0.60 -9.75 -7.61
CA PRO A 263 -1.54 -10.88 -7.55
C PRO A 263 -1.66 -11.71 -8.81
N VAL A 264 -0.75 -11.52 -9.77
CA VAL A 264 -0.82 -12.22 -11.06
C VAL A 264 -0.85 -13.71 -10.83
N LEU A 265 -0.15 -14.17 -9.80
CA LEU A 265 -0.12 -15.56 -9.38
C LEU A 265 -1.28 -15.91 -8.42
N SER A 266 -1.45 -15.14 -7.38
CA SER A 266 -2.36 -15.48 -6.29
CA SER A 266 -2.35 -15.61 -6.34
C SER A 266 -3.81 -15.47 -6.73
N ASP A 267 -4.14 -14.59 -7.68
CA ASP A 267 -5.50 -14.64 -8.20
C ASP A 267 -5.76 -15.99 -8.84
N ILE A 268 -4.77 -16.55 -9.55
CA ILE A 268 -4.94 -17.88 -10.12
C ILE A 268 -4.96 -18.92 -9.01
N ILE A 269 -4.11 -18.77 -8.00
CA ILE A 269 -4.14 -19.71 -6.87
C ILE A 269 -5.55 -19.79 -6.30
N VAL A 270 -6.22 -18.64 -6.20
CA VAL A 270 -7.54 -18.61 -5.57
C VAL A 270 -8.49 -19.53 -6.31
N SER A 271 -8.57 -19.36 -7.63
CA SER A 271 -9.54 -20.10 -8.44
C SER A 271 -9.17 -21.57 -8.53
N VAL A 272 -7.90 -21.87 -8.74
CA VAL A 272 -7.48 -23.26 -8.88
C VAL A 272 -7.68 -24.02 -7.57
N SER A 273 -7.48 -23.35 -6.43
CA SER A 273 -7.66 -24.04 -5.16
CA SER A 273 -7.67 -24.02 -5.15
C SER A 273 -9.08 -24.58 -5.04
N LYS A 274 -10.06 -23.82 -5.53
CA LYS A 274 -11.46 -24.21 -5.36
C LYS A 274 -11.76 -25.54 -6.04
N GLU A 275 -10.99 -25.90 -7.07
CA GLU A 275 -11.22 -27.14 -7.79
C GLU A 275 -10.44 -28.30 -7.20
N MET A 276 -9.25 -28.05 -6.65
CA MET A 276 -8.41 -29.09 -6.04
C MET A 276 -8.99 -29.51 -4.71
N GLU A 277 -10.29 -29.31 -4.59
CA GLU A 277 -10.99 -29.42 -3.33
C GLU A 277 -11.08 -30.88 -2.91
N ASN A 278 -11.56 -31.72 -3.83
CA ASN A 278 -11.66 -33.14 -3.57
C ASN A 278 -10.28 -33.80 -3.47
N GLU A 279 -9.26 -33.16 -4.03
CA GLU A 279 -7.91 -33.70 -3.88
C GLU A 279 -7.36 -33.41 -2.48
N ALA A 280 -7.71 -32.27 -1.87
CA ALA A 280 -7.36 -32.07 -0.47
C ALA A 280 -8.18 -32.98 0.43
N ARG A 281 -9.46 -33.19 0.11
CA ARG A 281 -10.27 -34.12 0.90
C ARG A 281 -9.64 -35.52 0.92
N ALA A 282 -9.06 -35.96 -0.21
CA ALA A 282 -8.43 -37.28 -0.24
C ALA A 282 -7.23 -37.35 0.69
N ALA A 283 -6.57 -36.23 0.95
CA ALA A 283 -5.43 -36.18 1.85
C ALA A 283 -5.84 -36.03 3.30
N GLY A 284 -7.14 -35.89 3.56
CA GLY A 284 -7.64 -35.82 4.91
C GLY A 284 -8.02 -34.43 5.39
N ALA A 285 -8.02 -33.44 4.51
CA ALA A 285 -8.43 -32.09 4.88
C ALA A 285 -9.86 -31.83 4.44
N THR A 286 -10.46 -30.79 5.01
CA THR A 286 -11.80 -30.38 4.60
C THR A 286 -11.76 -29.67 3.25
N GLY A 287 -10.64 -29.06 2.93
CA GLY A 287 -10.45 -28.39 1.66
C GLY A 287 -9.19 -27.55 1.71
N ILE A 288 -9.09 -26.61 0.77
CA ILE A 288 -7.95 -25.71 0.70
C ILE A 288 -8.41 -24.31 1.10
N ASN A 289 -7.79 -23.77 2.16
CA ASN A 289 -8.14 -22.48 2.77
C ASN A 289 -7.05 -21.48 2.42
N VAL A 290 -7.26 -20.75 1.34
CA VAL A 290 -6.38 -19.66 0.96
C VAL A 290 -6.68 -18.50 1.88
N VAL A 291 -5.63 -17.93 2.47
CA VAL A 291 -5.72 -16.80 3.36
C VAL A 291 -4.69 -15.79 2.86
N GLY A 292 -4.87 -14.53 3.26
CA GLY A 292 -4.06 -13.44 2.76
C GLY A 292 -3.02 -12.92 3.73
N ILE A 293 -1.84 -12.61 3.20
CA ILE A 293 -0.89 -11.83 3.98
C ILE A 293 -0.47 -10.63 3.12
N CSO A 294 -0.38 -9.47 3.74
CA CSO A 294 0.19 -8.27 3.13
CB CSO A 294 1.69 -8.48 2.80
SG CSO A 294 2.63 -7.95 4.28
C CSO A 294 -0.65 -7.87 1.92
O CSO A 294 -1.84 -8.15 1.92
OD CSO A 294 4.41 -7.86 4.08
HA CSO A 294 0.12 -7.54 3.79
HB2 CSO A 294 1.98 -7.96 2.05
HB3 CSO A 294 1.86 -9.42 2.64
N CYS A 295 -0.08 -7.19 0.92
N CYS A 295 -0.06 -7.16 0.96
CA CYS A 295 -0.91 -6.55 -0.10
CA CYS A 295 -0.77 -6.57 -0.17
C CYS A 295 -1.47 -7.55 -1.16
C CYS A 295 -1.50 -7.60 -1.06
N THR A 296 -0.80 -8.68 -1.38
CA THR A 296 -1.38 -9.71 -2.23
C THR A 296 -2.64 -10.24 -1.58
N GLY A 297 -2.57 -10.44 -0.26
CA GLY A 297 -3.77 -10.76 0.51
C GLY A 297 -4.85 -9.72 0.33
N ASN A 298 -4.49 -8.43 0.42
CA ASN A 298 -5.47 -7.35 0.20
C ASN A 298 -6.08 -7.47 -1.18
N GLU A 299 -5.25 -7.69 -2.22
CA GLU A 299 -5.77 -7.82 -3.56
C GLU A 299 -6.89 -8.89 -3.65
N VAL A 300 -6.67 -10.08 -3.10
CA VAL A 300 -7.65 -11.16 -3.22
C VAL A 300 -8.77 -11.06 -2.18
N LEU A 301 -8.53 -10.34 -1.10
CA LEU A 301 -9.63 -9.97 -0.22
C LEU A 301 -10.57 -8.97 -0.91
N MET A 302 -9.99 -7.91 -1.52
CA MET A 302 -10.81 -6.91 -2.21
C MET A 302 -11.68 -7.51 -3.30
N ARG A 303 -11.10 -8.41 -4.11
CA ARG A 303 -11.81 -8.93 -5.27
C ARG A 303 -12.66 -10.17 -4.96
N HIS A 304 -12.22 -11.04 -4.04
CA HIS A 304 -12.78 -12.35 -3.83
C HIS A 304 -13.23 -12.64 -2.42
N GLY A 305 -13.02 -11.73 -1.49
CA GLY A 305 -13.34 -12.00 -0.13
C GLY A 305 -12.47 -13.01 0.56
N ILE A 306 -11.27 -13.27 0.04
CA ILE A 306 -10.35 -14.16 0.76
C ILE A 306 -9.98 -13.54 2.11
N PRO A 307 -10.07 -14.27 3.21
CA PRO A 307 -9.82 -13.68 4.52
C PRO A 307 -8.36 -13.33 4.71
N ALA A 308 -8.13 -12.20 5.39
CA ALA A 308 -6.77 -11.76 5.71
C ALA A 308 -6.27 -12.45 6.97
N CYS A 309 -5.11 -13.08 6.87
CA CYS A 309 -4.52 -13.78 8.00
C CYS A 309 -3.75 -12.84 8.93
N THR A 310 -2.80 -12.13 8.36
CA THR A 310 -2.12 -11.08 9.11
C THR A 310 -1.37 -10.16 8.14
N HIS A 311 -0.55 -9.29 8.70
CA HIS A 311 0.07 -8.21 7.96
C HIS A 311 1.46 -7.87 8.47
N SER A 312 2.29 -7.43 7.52
CA SER A 312 3.42 -6.58 7.80
C SER A 312 4.31 -7.18 8.88
N VAL A 313 4.50 -6.40 9.95
CA VAL A 313 5.48 -6.76 10.96
C VAL A 313 5.20 -8.13 11.59
N SER A 314 3.93 -8.58 11.65
CA SER A 314 3.58 -9.80 12.37
C SER A 314 3.44 -11.03 11.46
N GLN A 315 3.95 -10.95 10.23
CA GLN A 315 3.77 -12.03 9.27
C GLN A 315 4.35 -13.35 9.72
N GLU A 316 5.44 -13.32 10.50
CA GLU A 316 6.01 -14.58 10.97
C GLU A 316 5.02 -15.33 11.86
N MET A 317 4.16 -14.59 12.55
CA MET A 317 3.31 -15.20 13.57
C MET A 317 2.31 -16.18 12.98
N ALA A 318 1.91 -15.99 11.73
CA ALA A 318 1.07 -16.97 11.06
C ALA A 318 1.73 -18.34 11.04
N MET A 319 3.03 -18.40 10.72
CA MET A 319 3.76 -19.66 10.73
C MET A 319 3.82 -20.29 12.13
N ILE A 320 3.85 -19.46 13.17
CA ILE A 320 4.06 -19.99 14.51
C ILE A 320 2.85 -20.81 14.98
N THR A 321 1.69 -20.62 14.39
CA THR A 321 0.54 -21.42 14.77
C THR A 321 0.77 -22.92 14.58
N GLY A 322 1.64 -23.29 13.63
CA GLY A 322 1.83 -24.66 13.27
C GLY A 322 0.88 -25.15 12.19
N ALA A 323 -0.06 -24.31 11.75
CA ALA A 323 -1.07 -24.72 10.78
C ALA A 323 -0.87 -24.10 9.41
N LEU A 324 0.16 -23.29 9.20
CA LEU A 324 0.38 -22.67 7.90
C LEU A 324 1.16 -23.66 7.04
N ASP A 325 0.46 -24.36 6.17
CA ASP A 325 1.10 -25.42 5.39
C ASP A 325 1.93 -24.84 4.27
N ALA A 326 1.57 -23.69 3.74
CA ALA A 326 2.30 -23.13 2.61
C ALA A 326 2.16 -21.62 2.63
N MET A 327 3.26 -20.93 2.29
CA MET A 327 3.32 -19.50 2.13
C MET A 327 3.88 -19.18 0.74
N ILE A 328 3.05 -18.59 -0.13
CA ILE A 328 3.35 -18.47 -1.54
C ILE A 328 3.73 -17.01 -1.81
N LEU A 329 4.97 -16.80 -2.19
CA LEU A 329 5.58 -15.48 -2.21
C LEU A 329 5.76 -14.93 -3.62
N ASP A 330 5.48 -13.65 -3.80
CA ASP A 330 5.91 -12.93 -5.00
CA ASP A 330 5.93 -12.96 -5.01
C ASP A 330 7.05 -12.02 -4.55
N TYR A 331 6.85 -10.70 -4.51
CA TYR A 331 7.92 -9.83 -4.02
C TYR A 331 7.35 -8.72 -3.13
N GLN A 332 8.23 -8.11 -2.33
CA GLN A 332 8.01 -6.90 -1.53
C GLN A 332 7.43 -7.18 -0.15
N CYS A 333 8.08 -6.65 0.90
CA CYS A 333 7.59 -6.69 2.28
C CYS A 333 7.61 -8.08 2.90
N ILE A 334 8.25 -9.04 2.25
CA ILE A 334 8.38 -10.39 2.79
C ILE A 334 9.63 -10.45 3.67
N GLN A 335 9.43 -10.66 4.95
CA GLN A 335 10.57 -10.84 5.85
C GLN A 335 11.33 -12.08 5.40
N PRO A 336 12.62 -11.99 5.08
CA PRO A 336 13.34 -13.20 4.67
C PRO A 336 13.59 -14.17 5.79
N SER A 337 13.37 -13.76 7.05
CA SER A 337 13.29 -14.71 8.15
C SER A 337 12.27 -15.82 7.92
N VAL A 338 11.28 -15.61 7.06
CA VAL A 338 10.28 -16.67 6.92
C VAL A 338 10.93 -17.97 6.45
N ALA A 339 11.94 -17.87 5.59
CA ALA A 339 12.57 -19.07 5.06
C ALA A 339 13.22 -19.92 6.13
N THR A 340 13.75 -19.32 7.19
CA THR A 340 14.39 -20.11 8.23
CA THR A 340 14.40 -20.08 8.24
C THR A 340 13.40 -20.51 9.31
N ILE A 341 12.42 -19.67 9.60
CA ILE A 341 11.39 -20.07 10.54
C ILE A 341 10.64 -21.31 10.03
N ALA A 342 10.50 -21.48 8.72
CA ALA A 342 9.76 -22.63 8.20
C ALA A 342 10.42 -23.95 8.60
N GLU A 343 11.73 -23.95 8.81
CA GLU A 343 12.41 -25.16 9.28
C GLU A 343 11.82 -25.63 10.59
N CYS A 344 11.42 -24.70 11.44
CA CYS A 344 10.88 -24.97 12.76
C CYS A 344 9.40 -25.27 12.75
N THR A 345 8.66 -24.60 11.86
CA THR A 345 7.20 -24.65 11.83
C THR A 345 6.64 -25.64 10.82
N GLY A 346 7.47 -26.18 9.93
CA GLY A 346 7.03 -27.12 8.91
C GLY A 346 6.40 -26.50 7.69
N THR A 347 6.21 -25.18 7.69
CA THR A 347 5.57 -24.48 6.58
C THR A 347 6.44 -24.60 5.33
N THR A 348 5.81 -24.90 4.22
CA THR A 348 6.52 -24.86 2.95
C THR A 348 6.48 -23.42 2.42
N VAL A 349 7.66 -22.80 2.31
CA VAL A 349 7.75 -21.44 1.79
C VAL A 349 8.17 -21.54 0.33
N ILE A 350 7.42 -20.89 -0.56
CA ILE A 350 7.65 -21.00 -2.00
C ILE A 350 7.80 -19.61 -2.62
N THR A 351 8.95 -19.35 -3.26
CA THR A 351 9.12 -18.18 -4.10
C THR A 351 8.69 -18.49 -5.53
N THR A 352 8.31 -17.44 -6.26
CA THR A 352 7.80 -17.62 -7.62
C THR A 352 8.29 -16.61 -8.63
N MET A 353 8.98 -15.57 -8.22
CA MET A 353 9.42 -14.48 -9.08
C MET A 353 10.93 -14.59 -9.19
N GLU A 354 11.45 -14.49 -10.42
CA GLU A 354 12.86 -14.72 -10.67
C GLU A 354 13.75 -13.71 -9.92
N MET A 355 13.34 -12.45 -9.83
CA MET A 355 14.14 -11.47 -9.13
CA MET A 355 14.15 -11.46 -9.13
C MET A 355 13.83 -11.39 -7.65
N SER A 356 13.12 -12.38 -7.09
CA SER A 356 12.87 -12.33 -5.65
C SER A 356 12.93 -13.74 -5.11
N LYS A 357 14.13 -14.20 -4.84
CA LYS A 357 14.39 -15.52 -4.24
C LYS A 357 14.86 -15.37 -2.80
N ILE A 358 14.64 -16.40 -1.97
CA ILE A 358 15.12 -16.37 -0.60
C ILE A 358 15.85 -17.69 -0.32
N THR A 359 17.10 -17.60 0.16
CA THR A 359 17.85 -18.83 0.44
C THR A 359 17.12 -19.72 1.43
N GLY A 360 16.94 -20.98 1.05
CA GLY A 360 16.24 -21.96 1.86
C GLY A 360 14.78 -22.16 1.49
N ALA A 361 14.22 -21.31 0.61
CA ALA A 361 12.87 -21.46 0.09
C ALA A 361 12.85 -22.27 -1.22
N THR A 362 11.80 -23.08 -1.41
CA THR A 362 11.55 -23.72 -2.71
C THR A 362 11.12 -22.66 -3.74
N HIS A 363 11.73 -22.69 -4.92
CA HIS A 363 11.37 -21.79 -6.00
C HIS A 363 10.58 -22.54 -7.07
N VAL A 364 9.50 -21.93 -7.49
CA VAL A 364 8.67 -22.39 -8.59
C VAL A 364 8.63 -21.27 -9.62
N ASN A 365 9.17 -21.53 -10.81
CA ASN A 365 9.37 -20.49 -11.81
C ASN A 365 8.05 -20.13 -12.48
N PHE A 366 7.30 -19.26 -11.81
CA PHE A 366 6.01 -18.84 -12.36
C PHE A 366 6.15 -18.24 -13.76
N ALA A 367 5.25 -18.65 -14.66
CA ALA A 367 5.06 -17.96 -15.92
C ALA A 367 3.58 -17.96 -16.22
N GLU A 368 3.06 -16.80 -16.64
CA GLU A 368 1.64 -16.71 -16.97
C GLU A 368 1.21 -17.80 -17.94
N GLU A 369 2.05 -18.10 -18.94
CA GLU A 369 1.73 -19.13 -19.90
C GLU A 369 1.46 -20.49 -19.26
N ALA A 370 1.85 -20.70 -17.99
CA ALA A 370 1.67 -22.00 -17.33
C ALA A 370 1.03 -21.87 -15.95
N ALA A 371 0.29 -20.79 -15.71
CA ALA A 371 -0.11 -20.42 -14.36
C ALA A 371 -0.93 -21.51 -13.70
N VAL A 372 -1.91 -22.06 -14.41
CA VAL A 372 -2.73 -23.09 -13.79
C VAL A 372 -1.87 -24.29 -13.40
N GLU A 373 -0.88 -24.63 -14.22
CA GLU A 373 -0.01 -25.74 -13.88
C GLU A 373 0.89 -25.41 -12.69
N ASN A 374 1.48 -24.20 -12.67
CA ASN A 374 2.28 -23.83 -11.52
C ASN A 374 1.44 -23.81 -10.25
N ALA A 375 0.20 -23.34 -10.38
CA ALA A 375 -0.73 -23.32 -9.25
C ALA A 375 -0.89 -24.69 -8.63
N LYS A 376 -1.08 -25.72 -9.46
CA LYS A 376 -1.33 -27.05 -8.94
C LYS A 376 -0.08 -27.66 -8.34
N GLN A 377 1.09 -27.37 -8.92
CA GLN A 377 2.33 -27.84 -8.33
C GLN A 377 2.50 -27.28 -6.92
N ILE A 378 2.20 -25.99 -6.74
CA ILE A 378 2.32 -25.37 -5.42
C ILE A 378 1.31 -25.95 -4.44
N LEU A 379 0.02 -25.92 -4.82
CA LEU A 379 -1.01 -26.44 -3.95
C LEU A 379 -0.80 -27.91 -3.62
N ARG A 380 -0.15 -28.66 -4.49
CA ARG A 380 0.16 -30.05 -4.16
C ARG A 380 1.27 -30.14 -3.11
N LEU A 381 2.26 -29.23 -3.17
CA LEU A 381 3.25 -29.19 -2.09
C LEU A 381 2.57 -28.82 -0.77
N ALA A 382 1.58 -27.94 -0.80
CA ALA A 382 0.85 -27.58 0.41
C ALA A 382 0.04 -28.76 0.93
N ILE A 383 -0.61 -29.51 0.04
CA ILE A 383 -1.34 -30.68 0.49
C ILE A 383 -0.38 -31.70 1.09
N ASP A 384 0.86 -31.76 0.57
CA ASP A 384 1.86 -32.65 1.15
C ASP A 384 2.20 -32.25 2.58
N THR A 385 2.30 -30.94 2.84
CA THR A 385 2.65 -30.49 4.18
C THR A 385 1.50 -30.71 5.15
N PHE A 386 0.26 -30.49 4.70
CA PHE A 386 -0.87 -30.79 5.58
C PHE A 386 -0.81 -32.24 6.03
N LYS A 387 -0.52 -33.16 5.10
CA LYS A 387 -0.42 -34.57 5.46
C LYS A 387 0.66 -34.80 6.51
N ARG A 388 1.77 -34.06 6.42
CA ARG A 388 2.88 -34.28 7.33
C ARG A 388 2.60 -33.77 8.74
N ARG A 389 1.60 -32.92 8.94
CA ARG A 389 1.26 -32.48 10.28
C ARG A 389 0.03 -33.17 10.82
N LYS A 390 -0.31 -34.35 10.32
CA LYS A 390 -1.31 -35.17 10.98
C LYS A 390 -0.90 -35.40 12.43
N GLY A 391 -1.78 -35.08 13.36
CA GLY A 391 -1.58 -35.40 14.75
C GLY A 391 -0.59 -34.52 15.48
N LYS A 392 -0.11 -33.44 14.86
CA LYS A 392 0.62 -32.42 15.60
C LYS A 392 -0.36 -31.35 16.03
N PRO A 393 -0.54 -31.10 17.33
CA PRO A 393 -1.46 -30.05 17.73
C PRO A 393 -1.02 -28.74 17.10
N VAL A 394 -1.99 -27.89 16.79
CA VAL A 394 -1.69 -26.53 16.37
C VAL A 394 -2.25 -25.55 17.38
N GLU A 395 -1.74 -24.32 17.32
CA GLU A 395 -2.25 -23.27 18.19
C GLU A 395 -2.66 -22.10 17.31
N ILE A 396 -3.88 -22.14 16.80
CA ILE A 396 -4.50 -21.02 16.11
C ILE A 396 -5.22 -20.16 17.16
N PRO A 397 -4.77 -18.92 17.42
CA PRO A 397 -5.60 -18.07 18.29
C PRO A 397 -7.00 -17.94 17.70
N ASN A 398 -8.01 -18.13 18.54
CA ASN A 398 -9.40 -18.14 18.09
C ASN A 398 -9.94 -16.72 18.03
N ILE A 399 -9.25 -15.90 17.24
CA ILE A 399 -9.45 -14.46 17.21
C ILE A 399 -9.56 -14.00 15.78
N LYS A 400 -10.71 -13.43 15.41
CA LYS A 400 -10.89 -12.86 14.10
C LYS A 400 -11.97 -11.78 14.14
N THR A 401 -11.89 -10.87 13.17
CA THR A 401 -12.87 -9.79 13.03
C THR A 401 -13.62 -9.94 11.72
N LYS A 402 -14.84 -9.43 11.71
CA LYS A 402 -15.63 -9.31 10.50
C LYS A 402 -15.15 -8.08 9.73
N VAL A 403 -15.00 -8.24 8.41
CA VAL A 403 -14.42 -7.20 7.53
C VAL A 403 -15.34 -6.98 6.34
N VAL A 404 -15.85 -5.76 6.22
CA VAL A 404 -16.53 -5.31 5.03
C VAL A 404 -15.52 -4.48 4.27
N ALA A 405 -15.21 -4.90 3.04
CA ALA A 405 -14.15 -4.28 2.26
C ALA A 405 -14.66 -4.16 0.83
N GLY A 406 -13.75 -3.95 -0.12
CA GLY A 406 -14.10 -3.81 -1.52
C GLY A 406 -14.46 -2.40 -2.01
N PHE A 407 -14.06 -1.34 -1.33
CA PHE A 407 -14.44 0.02 -1.69
C PHE A 407 -13.41 0.65 -2.63
N SER A 408 -13.43 0.14 -3.85
CA SER A 408 -12.88 0.83 -5.01
C SER A 408 -13.56 2.19 -5.17
N THR A 409 -12.89 3.09 -5.87
CA THR A 409 -13.52 4.39 -6.15
C THR A 409 -14.80 4.21 -6.94
N GLU A 410 -14.83 3.23 -7.86
CA GLU A 410 -16.07 3.00 -8.59
C GLU A 410 -17.16 2.52 -7.64
N ALA A 411 -16.80 1.67 -6.69
CA ALA A 411 -17.76 1.22 -5.70
C ALA A 411 -18.24 2.35 -4.81
N ILE A 412 -17.35 3.27 -4.44
CA ILE A 412 -17.77 4.36 -3.56
C ILE A 412 -18.77 5.25 -4.30
N ILE A 413 -18.43 5.61 -5.55
CA ILE A 413 -19.30 6.40 -6.41
C ILE A 413 -20.64 5.71 -6.59
N ASN A 414 -20.64 4.39 -6.81
CA ASN A 414 -21.92 3.72 -6.96
C ASN A 414 -22.72 3.73 -5.67
N ALA A 415 -22.05 3.50 -4.53
CA ALA A 415 -22.74 3.57 -3.24
C ALA A 415 -23.33 4.96 -3.02
N LEU A 416 -22.58 6.01 -3.34
CA LEU A 416 -23.10 7.37 -3.21
C LEU A 416 -24.17 7.66 -4.25
N SER A 417 -24.16 6.96 -5.39
CA SER A 417 -25.16 7.19 -6.40
C SER A 417 -26.55 6.82 -5.92
N LYS A 418 -26.66 5.99 -4.88
CA LYS A 418 -28.00 5.61 -4.42
C LYS A 418 -28.69 6.76 -3.71
N LEU A 419 -27.92 7.76 -3.30
CA LEU A 419 -28.43 8.98 -2.71
C LEU A 419 -28.54 10.11 -3.72
N ASN A 420 -27.88 10.01 -4.88
CA ASN A 420 -28.03 11.00 -5.95
C ASN A 420 -27.53 10.38 -7.25
N ALA A 421 -28.46 10.06 -8.15
CA ALA A 421 -28.18 9.14 -9.25
C ALA A 421 -27.23 9.75 -10.29
N ASN A 422 -27.48 11.00 -10.68
CA ASN A 422 -26.73 11.64 -11.75
C ASN A 422 -25.63 12.55 -11.24
N ASP A 423 -25.46 12.69 -9.93
CA ASP A 423 -24.40 13.52 -9.33
C ASP A 423 -23.89 12.86 -8.05
N PRO A 424 -23.25 11.70 -8.19
CA PRO A 424 -22.99 10.88 -6.98
C PRO A 424 -21.98 11.47 -6.03
N LEU A 425 -21.04 12.30 -6.48
CA LEU A 425 -20.16 12.92 -5.50
C LEU A 425 -20.88 13.94 -4.62
N LYS A 426 -21.97 14.51 -5.11
CA LYS A 426 -22.63 15.58 -4.37
C LYS A 426 -23.05 15.18 -2.94
N PRO A 427 -23.69 14.04 -2.69
CA PRO A 427 -24.03 13.68 -1.30
C PRO A 427 -22.85 13.69 -0.35
N LEU A 428 -21.66 13.35 -0.83
CA LEU A 428 -20.47 13.41 0.01
C LEU A 428 -20.05 14.85 0.23
N ILE A 429 -20.03 15.65 -0.82
CA ILE A 429 -19.65 17.05 -0.66
C ILE A 429 -20.65 17.76 0.23
N ASP A 430 -21.94 17.47 0.04
CA ASP A 430 -22.99 18.10 0.84
C ASP A 430 -22.68 17.97 2.30
N ASN A 431 -22.26 16.76 2.70
CA ASN A 431 -22.05 16.44 4.10
C ASN A 431 -20.70 16.87 4.60
N VAL A 432 -19.75 17.13 3.71
CA VAL A 432 -18.56 17.87 4.11
C VAL A 432 -18.93 19.31 4.44
N VAL A 433 -19.70 19.95 3.56
CA VAL A 433 -20.08 21.34 3.75
C VAL A 433 -20.88 21.51 5.03
N ASN A 434 -21.86 20.63 5.26
CA ASN A 434 -22.70 20.81 6.44
C ASN A 434 -22.04 20.30 7.71
N GLY A 435 -20.89 19.67 7.62
CA GLY A 435 -20.12 19.29 8.79
C GLY A 435 -20.32 17.86 9.26
N ASN A 436 -21.29 17.14 8.72
CA ASN A 436 -21.41 15.74 9.08
C ASN A 436 -20.13 14.95 8.74
N ILE A 437 -19.38 15.40 7.73
CA ILE A 437 -18.08 14.85 7.39
C ILE A 437 -17.09 15.99 7.55
N ARG A 438 -16.19 15.86 8.53
CA ARG A 438 -15.26 16.95 8.77
C ARG A 438 -14.23 17.01 7.64
N GLY A 439 -13.74 15.87 7.23
CA GLY A 439 -12.80 15.80 6.13
C GLY A 439 -12.58 14.36 5.79
N VAL A 440 -11.52 14.12 5.03
CA VAL A 440 -11.12 12.78 4.65
C VAL A 440 -9.68 12.58 5.08
N CYS A 441 -9.41 11.38 5.63
CA CYS A 441 -8.08 10.93 5.98
C CYS A 441 -7.85 9.55 5.38
N LEU A 442 -6.77 9.44 4.63
CA LEU A 442 -6.27 8.19 4.07
C LEU A 442 -5.15 7.66 4.96
N PHE A 443 -5.35 6.47 5.54
CA PHE A 443 -4.29 5.74 6.22
C PHE A 443 -3.63 4.79 5.23
N ALA A 444 -2.31 4.82 5.15
CA ALA A 444 -1.60 4.03 4.17
C ALA A 444 -0.34 3.54 4.84
N GLY A 445 0.31 2.60 4.18
CA GLY A 445 1.63 2.21 4.59
C GLY A 445 1.64 1.00 5.47
N CYS A 446 2.83 0.78 6.04
CA CYS A 446 3.21 -0.45 6.76
C CYS A 446 3.07 -0.38 8.26
N ASN A 447 3.22 -1.51 8.95
CA ASN A 447 3.64 -1.49 10.36
C ASN A 447 5.17 -1.29 10.40
N ASN A 448 5.70 -0.96 11.57
CA ASN A 448 7.14 -0.75 11.78
C ASN A 448 7.47 -1.23 13.18
N VAL A 449 8.45 -2.10 13.29
CA VAL A 449 8.77 -2.70 14.58
C VAL A 449 9.03 -1.64 15.66
N LYS A 450 9.40 -0.43 15.26
CA LYS A 450 9.68 0.62 16.23
C LYS A 450 8.44 1.06 16.98
N VAL A 451 7.28 0.84 16.40
CA VAL A 451 5.99 1.27 16.95
C VAL A 451 5.22 0.02 17.39
N PRO A 452 4.67 -0.03 18.60
CA PRO A 452 3.81 -1.15 18.94
C PRO A 452 2.74 -1.36 17.88
N GLN A 453 2.64 -2.59 17.41
CA GLN A 453 1.92 -2.85 16.17
C GLN A 453 0.49 -2.33 16.23
N ASP A 454 0.18 -1.45 15.30
CA ASP A 454 -1.13 -0.88 15.02
C ASP A 454 -1.49 0.27 15.96
N GLN A 455 -0.67 0.52 16.97
CA GLN A 455 -1.00 1.52 17.97
C GLN A 455 -1.21 2.90 17.37
N ASN A 456 -0.40 3.30 16.36
CA ASN A 456 -0.61 4.63 15.80
C ASN A 456 -1.83 4.64 14.90
N PHE A 457 -2.03 3.59 14.09
CA PHE A 457 -3.21 3.57 13.24
C PHE A 457 -4.48 3.68 14.06
N THR A 458 -4.61 2.85 15.10
CA THR A 458 -5.89 2.80 15.83
C THR A 458 -6.09 4.00 16.72
N THR A 459 -5.03 4.50 17.32
CA THR A 459 -5.13 5.69 18.15
C THR A 459 -5.57 6.88 17.32
N ILE A 460 -4.97 7.08 16.15
CA ILE A 460 -5.29 8.23 15.34
C ILE A 460 -6.68 8.08 14.75
N ALA A 461 -6.97 6.89 14.22
CA ALA A 461 -8.26 6.64 13.59
C ALA A 461 -9.39 6.86 14.58
N ARG A 462 -9.25 6.36 15.80
CA ARG A 462 -10.29 6.55 16.81
C ARG A 462 -10.58 8.03 17.02
N LYS A 463 -9.54 8.86 17.10
CA LYS A 463 -9.77 10.26 17.41
C LYS A 463 -10.38 10.97 16.21
N LEU A 464 -9.99 10.58 15.01
CA LEU A 464 -10.56 11.19 13.81
C LEU A 464 -12.00 10.77 13.60
N LEU A 465 -12.30 9.50 13.85
CA LEU A 465 -13.67 9.04 13.62
C LEU A 465 -14.64 9.73 14.57
N LYS A 466 -14.20 9.97 15.82
CA LYS A 466 -15.00 10.71 16.78
C LYS A 466 -15.22 12.16 16.36
N GLN A 467 -14.35 12.70 15.52
CA GLN A 467 -14.49 14.06 15.00
C GLN A 467 -15.12 14.08 13.59
N ASN A 468 -15.77 12.99 13.19
CA ASN A 468 -16.57 12.88 11.96
C ASN A 468 -15.72 12.91 10.69
N VAL A 469 -14.48 12.45 10.77
CA VAL A 469 -13.64 12.36 9.57
C VAL A 469 -14.01 11.09 8.84
N LEU A 470 -14.25 11.19 7.51
CA LEU A 470 -14.35 9.98 6.69
C LEU A 470 -12.96 9.36 6.57
N VAL A 471 -12.83 8.11 7.02
CA VAL A 471 -11.54 7.44 7.03
C VAL A 471 -11.54 6.33 5.99
N VAL A 472 -10.53 6.33 5.14
CA VAL A 472 -10.28 5.31 4.13
C VAL A 472 -8.89 4.78 4.41
N ALA A 473 -8.60 3.58 3.90
CA ALA A 473 -7.38 2.92 4.25
C ALA A 473 -6.97 1.93 3.16
N THR A 474 -5.64 1.80 3.02
CA THR A 474 -5.05 0.92 2.03
C THR A 474 -3.90 0.17 2.69
N GLY A 475 -3.44 -0.88 2.01
CA GLY A 475 -2.25 -1.59 2.45
C GLY A 475 -2.31 -2.10 3.88
N CYS A 476 -1.20 -1.97 4.59
CA CYS A 476 -1.15 -2.51 5.95
C CYS A 476 -1.79 -1.58 6.97
N GLY A 477 -2.03 -0.32 6.63
CA GLY A 477 -2.93 0.50 7.41
C GLY A 477 -4.35 -0.05 7.43
N ALA A 478 -4.85 -0.47 6.28
CA ALA A 478 -6.12 -1.15 6.24
C ALA A 478 -6.03 -2.48 6.96
N GLY A 479 -4.88 -3.14 6.87
CA GLY A 479 -4.72 -4.40 7.61
C GLY A 479 -4.85 -4.18 9.10
N ALA A 480 -4.12 -3.19 9.61
CA ALA A 480 -4.27 -2.78 11.01
C ALA A 480 -5.72 -2.53 11.40
N LEU A 481 -6.40 -1.70 10.63
CA LEU A 481 -7.73 -1.28 11.07
C LEU A 481 -8.70 -2.45 10.97
N MET A 482 -8.56 -3.31 9.95
CA MET A 482 -9.48 -4.44 9.88
CA MET A 482 -9.39 -4.51 9.83
C MET A 482 -9.29 -5.39 11.08
N ARG A 483 -8.05 -5.65 11.47
CA ARG A 483 -7.78 -6.57 12.56
C ARG A 483 -8.28 -6.05 13.89
N HIS A 484 -8.55 -4.75 13.99
CA HIS A 484 -9.06 -4.16 15.23
C HIS A 484 -10.53 -3.75 15.14
N GLY A 485 -11.24 -4.29 14.17
CA GLY A 485 -12.68 -4.15 14.10
C GLY A 485 -13.15 -2.92 13.38
N PHE A 486 -12.26 -2.14 12.77
CA PHE A 486 -12.70 -0.88 12.17
C PHE A 486 -13.43 -1.08 10.85
N MET A 487 -13.49 -2.29 10.32
CA MET A 487 -14.19 -2.56 9.06
CA MET A 487 -14.20 -2.55 9.08
C MET A 487 -15.45 -3.38 9.28
N ASP A 488 -15.92 -3.46 10.53
CA ASP A 488 -17.15 -4.12 10.89
C ASP A 488 -18.21 -3.09 11.19
N PRO A 489 -19.31 -3.06 10.42
CA PRO A 489 -20.31 -2.00 10.61
C PRO A 489 -20.97 -2.04 11.96
N ALA A 490 -20.91 -3.17 12.67
CA ALA A 490 -21.45 -3.23 14.03
C ALA A 490 -20.70 -2.36 15.02
N ASN A 491 -19.51 -1.87 14.69
CA ASN A 491 -18.75 -0.97 15.55
C ASN A 491 -18.97 0.51 15.22
N VAL A 492 -19.92 0.84 14.36
CA VAL A 492 -20.12 2.23 13.98
C VAL A 492 -20.57 3.07 15.16
N ASP A 493 -21.51 2.56 15.97
CA ASP A 493 -21.99 3.27 17.15
C ASP A 493 -20.84 3.62 18.09
N GLU A 494 -20.01 2.63 18.43
CA GLU A 494 -18.88 2.85 19.31
C GLU A 494 -17.91 3.87 18.72
N LEU A 495 -17.59 3.76 17.45
CA LEU A 495 -16.40 4.43 16.95
C LEU A 495 -16.66 5.80 16.34
N CYS A 496 -17.83 6.01 15.74
CA CYS A 496 -18.10 7.13 14.86
C CYS A 496 -18.81 8.29 15.54
N GLY A 497 -18.39 9.51 15.21
CA GLY A 497 -19.17 10.67 15.63
C GLY A 497 -20.56 10.66 15.03
N ASP A 498 -21.47 11.40 15.68
CA ASP A 498 -22.87 11.40 15.26
C ASP A 498 -23.05 11.74 13.79
N GLY A 499 -22.34 12.76 13.30
CA GLY A 499 -22.54 13.19 11.93
C GLY A 499 -22.01 12.17 10.93
N LEU A 500 -20.84 11.63 11.20
CA LEU A 500 -20.30 10.59 10.33
C LEU A 500 -21.18 9.34 10.40
N LYS A 501 -21.63 8.96 11.59
CA LYS A 501 -22.56 7.85 11.66
C LYS A 501 -23.78 8.10 10.80
N ALA A 502 -24.30 9.31 10.82
CA ALA A 502 -25.49 9.60 10.03
C ALA A 502 -25.22 9.33 8.56
N VAL A 503 -24.05 9.74 8.07
CA VAL A 503 -23.72 9.56 6.66
C VAL A 503 -23.49 8.10 6.33
N LEU A 504 -22.70 7.39 7.14
CA LEU A 504 -22.48 5.98 6.83
C LEU A 504 -23.78 5.21 6.86
N THR A 505 -24.67 5.55 7.80
CA THR A 505 -25.96 4.89 7.90
C THR A 505 -26.83 5.19 6.69
N ALA A 506 -26.97 6.47 6.34
CA ALA A 506 -27.73 6.83 5.14
C ALA A 506 -27.24 6.06 3.92
N ILE A 507 -25.92 6.00 3.71
CA ILE A 507 -25.41 5.36 2.50
C ILE A 507 -25.67 3.86 2.57
N GLY A 508 -25.41 3.25 3.71
CA GLY A 508 -25.66 1.81 3.83
C GLY A 508 -27.12 1.45 3.61
N GLU A 509 -28.02 2.15 4.31
CA GLU A 509 -29.45 1.86 4.16
C GLU A 509 -29.89 2.03 2.70
N ALA A 510 -29.38 3.04 2.00
CA ALA A 510 -29.75 3.23 0.61
C ALA A 510 -29.18 2.15 -0.31
N ASN A 511 -28.18 1.40 0.13
CA ASN A 511 -27.65 0.29 -0.64
C ASN A 511 -28.19 -1.05 -0.15
N GLY A 512 -29.34 -1.05 0.53
CA GLY A 512 -29.97 -2.28 0.95
C GLY A 512 -29.08 -3.15 1.81
N LEU A 513 -28.85 -2.72 3.05
CA LEU A 513 -28.22 -3.56 4.06
C LEU A 513 -28.72 -3.20 5.44
N GLY A 514 -29.71 -2.31 5.58
CA GLY A 514 -30.33 -1.98 6.85
C GLY A 514 -29.37 -1.58 7.96
N GLY A 515 -28.10 -1.56 7.65
CA GLY A 515 -27.07 -1.15 8.57
C GLY A 515 -26.18 -0.20 7.82
N PRO A 516 -25.25 0.42 8.51
CA PRO A 516 -24.40 1.41 7.85
C PRO A 516 -23.24 0.77 7.10
N LEU A 517 -22.57 1.61 6.33
CA LEU A 517 -21.22 1.29 5.89
C LEU A 517 -20.32 1.05 7.10
N PRO A 518 -19.24 0.30 6.95
CA PRO A 518 -18.30 0.13 8.04
C PRO A 518 -17.64 1.44 8.41
N PRO A 519 -17.03 1.51 9.59
CA PRO A 519 -16.41 2.76 10.06
C PRO A 519 -15.25 3.26 9.22
N VAL A 520 -14.51 2.38 8.58
CA VAL A 520 -13.38 2.74 7.74
C VAL A 520 -13.63 2.05 6.40
N LEU A 521 -13.36 2.76 5.29
CA LEU A 521 -13.53 2.21 3.95
C LEU A 521 -12.20 1.67 3.44
N HIS A 522 -12.20 0.38 3.12
CA HIS A 522 -10.99 -0.29 2.67
C HIS A 522 -10.87 -0.07 1.18
N MET A 523 -9.86 0.68 0.76
CA MET A 523 -9.71 0.98 -0.65
C MET A 523 -8.67 0.11 -1.35
N GLY A 524 -8.00 -0.81 -0.65
CA GLY A 524 -7.28 -1.91 -1.28
C GLY A 524 -5.82 -2.01 -0.84
N SER A 525 -4.98 -2.40 -1.79
CA SER A 525 -3.55 -2.57 -1.56
C SER A 525 -2.83 -1.22 -1.60
N CYS A 526 -1.50 -1.29 -1.55
CA CYS A 526 -0.67 -0.09 -1.62
CA CYS A 526 -0.68 -0.08 -1.63
C CYS A 526 -0.77 0.60 -2.99
N VAL A 527 -0.67 -0.15 -4.08
CA VAL A 527 -0.87 0.51 -5.37
C VAL A 527 -2.26 1.15 -5.43
N ASP A 528 -3.24 0.58 -4.72
CA ASP A 528 -4.60 1.15 -4.72
C ASP A 528 -4.70 2.46 -3.92
N ASN A 529 -3.61 2.93 -3.33
CA ASN A 529 -3.59 4.35 -2.94
C ASN A 529 -3.91 5.23 -4.14
N SER A 530 -3.67 4.73 -5.36
CA SER A 530 -4.11 5.42 -6.57
C SER A 530 -5.60 5.59 -6.63
N ARG A 531 -6.35 4.64 -6.05
CA ARG A 531 -7.80 4.78 -6.02
C ARG A 531 -8.20 5.99 -5.18
N ALA A 532 -7.53 6.19 -4.04
CA ALA A 532 -7.84 7.38 -3.24
C ALA A 532 -7.53 8.63 -4.04
N VAL A 533 -6.46 8.60 -4.86
CA VAL A 533 -6.18 9.75 -5.70
C VAL A 533 -7.33 9.96 -6.68
N ALA A 534 -7.78 8.89 -7.33
CA ALA A 534 -8.94 9.03 -8.22
C ALA A 534 -10.11 9.71 -7.53
N LEU A 535 -10.45 9.25 -6.33
CA LEU A 535 -11.57 9.82 -5.61
C LEU A 535 -11.34 11.29 -5.30
N VAL A 536 -10.16 11.61 -4.77
CA VAL A 536 -9.84 12.97 -4.37
C VAL A 536 -9.77 13.90 -5.58
N ALA A 537 -9.21 13.42 -6.70
CA ALA A 537 -9.19 14.24 -7.91
C ALA A 537 -10.59 14.43 -8.47
N ALA A 538 -11.45 13.41 -8.35
CA ALA A 538 -12.82 13.57 -8.83
C ALA A 538 -13.55 14.59 -8.00
N LEU A 539 -13.34 14.54 -6.69
CA LEU A 539 -13.89 15.57 -5.81
C LEU A 539 -13.37 16.95 -6.22
N ALA A 540 -12.07 17.05 -6.46
CA ALA A 540 -11.50 18.35 -6.84
C ALA A 540 -12.17 18.86 -8.11
N ASN A 541 -12.37 17.99 -9.08
CA ASN A 541 -12.91 18.42 -10.35
C ASN A 541 -14.38 18.78 -10.23
N ARG A 542 -15.10 17.99 -9.45
CA ARG A 542 -16.51 18.27 -9.19
C ARG A 542 -16.67 19.59 -8.45
N LEU A 543 -15.69 19.95 -7.62
CA LEU A 543 -15.74 21.22 -6.90
C LEU A 543 -15.11 22.38 -7.67
N GLY A 544 -14.35 22.12 -8.72
CA GLY A 544 -13.69 23.19 -9.44
C GLY A 544 -12.49 23.80 -8.74
N VAL A 545 -11.88 23.07 -7.81
CA VAL A 545 -10.68 23.54 -7.12
C VAL A 545 -9.63 22.45 -7.17
N ASP A 546 -8.40 22.86 -6.87
CA ASP A 546 -7.25 21.97 -6.80
C ASP A 546 -7.28 21.15 -5.52
N LEU A 547 -6.48 20.09 -5.51
CA LEU A 547 -6.47 19.20 -4.35
C LEU A 547 -5.95 19.89 -3.10
N ASP A 548 -5.08 20.88 -3.27
CA ASP A 548 -4.53 21.58 -2.11
C ASP A 548 -5.52 22.54 -1.47
N ARG A 549 -6.77 22.58 -1.94
CA ARG A 549 -7.85 23.27 -1.23
C ARG A 549 -8.84 22.30 -0.58
N LEU A 550 -8.64 21.04 -0.71
CA LEU A 550 -9.60 20.10 -0.14
C LEU A 550 -9.24 19.71 1.29
N PRO A 551 -10.27 19.45 2.15
CA PRO A 551 -10.06 18.96 3.52
C PRO A 551 -9.79 17.46 3.54
N VAL A 552 -8.66 17.11 2.94
CA VAL A 552 -8.22 15.74 2.75
C VAL A 552 -6.77 15.68 3.20
N VAL A 553 -6.44 14.65 3.97
CA VAL A 553 -5.08 14.45 4.42
C VAL A 553 -4.77 12.97 4.35
N ALA A 554 -3.49 12.66 4.55
CA ALA A 554 -3.02 11.29 4.54
C ALA A 554 -2.14 11.03 5.75
N SER A 555 -2.12 9.77 6.18
CA SER A 555 -1.28 9.39 7.31
C SER A 555 -0.57 8.07 7.06
N ALA A 556 0.76 8.12 6.94
CA ALA A 556 1.60 6.92 6.91
C ALA A 556 2.05 6.72 8.35
N ALA A 557 1.11 6.23 9.14
CA ALA A 557 1.22 6.36 10.57
C ALA A 557 2.30 5.48 11.15
N GLU A 558 2.66 4.38 10.48
CA GLU A 558 3.68 3.43 10.94
C GLU A 558 4.62 3.02 9.78
N ALA A 559 5.07 4.00 9.01
CA ALA A 559 5.72 3.75 7.73
C ALA A 559 6.97 2.90 7.92
N MET A 560 7.31 2.12 6.88
CA MET A 560 8.47 1.24 6.92
C MET A 560 9.20 1.25 5.59
N HIS A 561 8.51 0.84 4.52
CA HIS A 561 9.17 0.52 3.27
C HIS A 561 9.51 1.77 2.50
N GLU A 562 10.52 1.65 1.61
CA GLU A 562 10.83 2.74 0.70
C GLU A 562 9.59 3.07 -0.14
N LYS A 563 8.73 2.08 -0.41
CA LYS A 563 7.47 2.41 -1.08
C LYS A 563 6.68 3.44 -0.27
N ALA A 564 6.63 3.26 1.05
CA ALA A 564 5.87 4.20 1.87
C ALA A 564 6.43 5.61 1.74
N VAL A 565 7.76 5.73 1.76
CA VAL A 565 8.33 7.07 1.59
C VAL A 565 7.93 7.68 0.26
N ALA A 566 7.92 6.86 -0.81
CA ALA A 566 7.53 7.38 -2.12
C ALA A 566 6.05 7.83 -2.12
N ILE A 567 5.16 7.06 -1.47
CA ILE A 567 3.75 7.45 -1.44
C ILE A 567 3.57 8.75 -0.65
N GLY A 568 4.14 8.81 0.54
CA GLY A 568 4.06 10.03 1.31
C GLY A 568 4.55 11.23 0.52
N THR A 569 5.60 11.04 -0.29
CA THR A 569 6.13 12.18 -1.02
C THR A 569 5.18 12.61 -2.14
N TRP A 570 4.58 11.67 -2.85
CA TRP A 570 3.63 12.13 -3.87
C TRP A 570 2.30 12.57 -3.27
N ALA A 571 1.93 12.10 -2.08
CA ALA A 571 0.80 12.72 -1.39
C ALA A 571 1.08 14.19 -1.18
N VAL A 572 2.28 14.52 -0.74
CA VAL A 572 2.65 15.92 -0.60
C VAL A 572 2.61 16.59 -1.96
N THR A 573 3.09 15.89 -2.99
CA THR A 573 3.30 16.57 -4.26
C THR A 573 1.95 16.84 -4.95
N ILE A 574 0.93 16.02 -4.71
CA ILE A 574 -0.37 16.32 -5.29
C ILE A 574 -1.19 17.29 -4.46
N GLY A 575 -0.68 17.71 -3.31
CA GLY A 575 -1.23 18.85 -2.59
C GLY A 575 -1.76 18.53 -1.20
N LEU A 576 -1.48 17.33 -0.66
CA LEU A 576 -2.11 16.90 0.60
C LEU A 576 -1.22 17.13 1.81
N PRO A 577 -1.75 17.58 2.96
CA PRO A 577 -0.99 17.46 4.20
C PRO A 577 -0.80 15.99 4.56
N THR A 578 0.45 15.58 4.85
CA THR A 578 0.81 14.16 4.88
C THR A 578 1.57 13.84 6.14
N HIS A 579 0.90 13.16 7.07
CA HIS A 579 1.54 12.74 8.30
C HIS A 579 2.34 11.47 8.10
N ILE A 580 3.51 11.42 8.75
CA ILE A 580 4.31 10.21 8.89
C ILE A 580 4.64 10.05 10.37
N GLY A 581 4.36 8.84 10.90
CA GLY A 581 4.42 8.53 12.30
C GLY A 581 5.70 7.85 12.73
N VAL A 582 6.64 7.69 11.82
CA VAL A 582 7.99 7.19 12.11
CA VAL A 582 7.98 7.21 12.15
C VAL A 582 8.97 8.24 11.62
N LEU A 583 10.14 8.28 12.23
CA LEU A 583 11.09 9.28 11.81
C LEU A 583 11.75 8.86 10.51
N PRO A 584 11.54 9.60 9.42
CA PRO A 584 12.37 9.38 8.24
C PRO A 584 13.74 9.99 8.49
N PRO A 585 14.72 9.68 7.66
CA PRO A 585 16.09 10.06 8.03
C PRO A 585 16.44 11.46 7.51
N ILE A 586 15.85 12.46 8.15
CA ILE A 586 15.87 13.83 7.66
C ILE A 586 16.20 14.80 8.78
N THR A 587 16.16 14.34 10.04
CA THR A 587 16.32 15.27 11.17
C THR A 587 17.75 15.78 11.28
N GLY A 588 18.71 15.06 10.70
CA GLY A 588 20.07 15.54 10.59
C GLY A 588 20.21 16.81 9.78
N SER A 589 19.20 17.21 9.00
CA SER A 589 19.26 18.45 8.27
C SER A 589 18.03 19.33 8.50
N LEU A 590 18.22 20.41 9.25
CA LEU A 590 17.12 21.36 9.41
C LEU A 590 16.66 21.95 8.08
N PRO A 591 17.53 22.47 7.21
CA PRO A 591 17.05 23.00 5.92
C PRO A 591 16.19 22.03 5.12
N VAL A 592 16.56 20.75 5.09
CA VAL A 592 15.77 19.75 4.37
C VAL A 592 14.45 19.51 5.08
N THR A 593 14.49 19.36 6.40
CA THR A 593 13.27 19.22 7.16
C THR A 593 12.32 20.40 6.89
N GLN A 594 12.89 21.61 6.86
CA GLN A 594 12.08 22.81 6.69
C GLN A 594 11.47 22.88 5.30
N ILE A 595 12.19 22.41 4.28
CA ILE A 595 11.56 22.30 2.96
C ILE A 595 10.39 21.33 3.02
N LEU A 596 10.60 20.13 3.54
CA LEU A 596 9.62 19.07 3.42
C LEU A 596 8.41 19.29 4.32
N THR A 597 8.56 20.04 5.41
CA THR A 597 7.44 20.31 6.32
C THR A 597 6.90 21.71 6.20
N SER A 598 7.54 22.60 5.43
CA SER A 598 7.02 23.96 5.35
C SER A 598 7.15 24.61 3.98
N SER A 599 8.36 24.74 3.45
CA SER A 599 8.56 25.47 2.20
CA SER A 599 8.54 25.48 2.21
C SER A 599 7.84 24.81 1.02
N VAL A 600 7.75 23.48 1.03
CA VAL A 600 7.15 22.78 -0.10
C VAL A 600 5.71 23.24 -0.28
N LYS A 601 5.09 23.74 0.79
CA LYS A 601 3.71 24.24 0.69
C LYS A 601 3.57 25.27 -0.40
N ASP A 602 4.61 26.07 -0.60
CA ASP A 602 4.57 27.13 -1.60
C ASP A 602 4.82 26.60 -3.00
N ILE A 603 5.19 25.32 -3.12
CA ILE A 603 5.38 24.67 -4.41
C ILE A 603 4.11 23.91 -4.79
N THR A 604 3.73 22.94 -3.97
CA THR A 604 2.67 22.01 -4.29
C THR A 604 1.41 22.20 -3.46
N GLY A 605 1.49 22.92 -2.33
CA GLY A 605 0.36 23.04 -1.42
C GLY A 605 0.30 22.01 -0.33
N GLY A 606 0.99 20.88 -0.48
CA GLY A 606 1.06 19.89 0.56
C GLY A 606 2.32 20.05 1.42
N TYR A 607 2.47 19.15 2.37
CA TYR A 607 3.60 19.23 3.27
C TYR A 607 3.57 18.02 4.18
N PHE A 608 4.75 17.61 4.64
CA PHE A 608 4.87 16.57 5.63
C PHE A 608 4.59 17.11 7.02
N ILE A 609 3.92 16.27 7.80
CA ILE A 609 3.70 16.44 9.24
C ILE A 609 4.42 15.26 9.91
N VAL A 610 5.61 15.50 10.46
CA VAL A 610 6.37 14.45 11.16
C VAL A 610 5.96 14.46 12.63
N GLU A 611 5.27 13.41 13.08
CA GLU A 611 4.86 13.38 14.49
C GLU A 611 4.78 11.94 14.97
N LEU A 612 5.63 11.59 15.94
CA LEU A 612 5.72 10.23 16.45
CA LEU A 612 5.70 10.23 16.42
C LEU A 612 4.67 9.91 17.49
N ASP A 613 4.12 10.90 18.15
CA ASP A 613 3.11 10.67 19.18
C ASP A 613 1.73 10.65 18.54
N PRO A 614 1.01 9.54 18.57
CA PRO A 614 -0.22 9.46 17.78
C PRO A 614 -1.33 10.40 18.22
N GLU A 615 -1.47 10.68 19.51
CA GLU A 615 -2.50 11.62 19.94
C GLU A 615 -2.21 13.01 19.39
N THR A 616 -0.94 13.40 19.38
CA THR A 616 -0.52 14.68 18.82
C THR A 616 -0.68 14.71 17.31
N ALA A 617 -0.31 13.62 16.66
CA ALA A 617 -0.47 13.52 15.21
C ALA A 617 -1.91 13.76 14.80
N ALA A 618 -2.87 13.13 15.50
CA ALA A 618 -4.28 13.33 15.16
C ALA A 618 -4.67 14.79 15.32
N ASP A 619 -4.29 15.42 16.44
CA ASP A 619 -4.57 16.83 16.64
C ASP A 619 -4.02 17.64 15.47
N LYS A 620 -2.88 17.23 14.95
CA LYS A 620 -2.24 17.97 13.88
C LYS A 620 -2.95 17.71 12.56
N LEU A 621 -3.37 16.46 12.33
CA LEU A 621 -4.18 16.17 11.16
C LEU A 621 -5.52 16.88 11.23
N LEU A 622 -6.16 16.91 12.39
CA LEU A 622 -7.43 17.63 12.47
C LEU A 622 -7.24 19.12 12.23
N ALA A 623 -6.14 19.71 12.73
CA ALA A 623 -5.89 21.13 12.45
C ALA A 623 -5.66 21.34 10.96
N ALA A 624 -5.04 20.36 10.29
CA ALA A 624 -4.82 20.46 8.86
C ALA A 624 -6.15 20.39 8.12
N ILE A 625 -6.99 19.44 8.49
CA ILE A 625 -8.32 19.37 7.90
C ILE A 625 -9.08 20.67 8.14
N ASN A 626 -9.09 21.14 9.39
CA ASN A 626 -9.88 22.31 9.70
C ASN A 626 -9.33 23.57 9.05
N GLU A 627 -8.02 23.66 8.83
CA GLU A 627 -7.48 24.79 8.08
C GLU A 627 -8.03 24.80 6.65
N ARG A 628 -8.09 23.62 6.03
CA ARG A 628 -8.62 23.48 4.64
C ARG A 628 -10.10 23.87 4.65
N ARG A 629 -10.86 23.41 5.64
CA ARG A 629 -12.26 23.80 5.77
C ARG A 629 -12.37 25.33 5.80
N ALA A 630 -11.54 25.98 6.63
CA ALA A 630 -11.63 27.43 6.77
C ALA A 630 -11.28 28.14 5.48
N GLY A 631 -10.34 27.59 4.70
CA GLY A 631 -9.93 28.17 3.44
C GLY A 631 -10.99 28.08 2.37
N LEU A 632 -11.93 27.15 2.53
CA LEU A 632 -13.13 27.05 1.70
C LEU A 632 -14.30 27.81 2.29
N GLY A 633 -14.07 28.54 3.37
CA GLY A 633 -15.14 29.27 4.03
C GLY A 633 -16.15 28.42 4.76
N LEU A 634 -15.79 27.15 5.17
CA LEU A 634 -16.70 26.26 5.86
C LEU A 634 -16.54 26.38 7.38
N PRO A 635 -17.61 26.22 8.16
CA PRO A 635 -17.42 26.14 9.61
C PRO A 635 -16.60 24.92 9.99
N TRP A 636 -15.98 24.99 11.16
CA TRP A 636 -15.20 23.86 11.66
C TRP A 636 -15.21 23.74 13.18
FE1 SF4 B . 31.66 10.61 1.40
FE2 SF4 B . 31.03 12.26 -0.66
FE3 SF4 B . 29.36 10.27 0.14
FE4 SF4 B . 31.64 9.61 -1.07
S1 SF4 B . 29.85 10.73 -1.96
S2 SF4 B . 30.81 8.65 0.73
S3 SF4 B . 33.03 11.26 -0.23
S4 SF4 B . 29.95 12.19 1.28
FE1 FES C . 26.43 4.86 8.51
FE2 FES C . 25.68 4.20 10.88
S1 FES C . 27.50 5.42 10.34
S2 FES C . 24.38 4.38 9.16
S4 VV2 D . 1.92 -1.53 3.15
S2 VV2 D . 4.68 -3.66 4.60
S3 VV2 D . 5.05 -1.20 1.94
FE2 VV2 D . 4.38 -3.49 2.68
FE4 VV2 D . 4.40 -1.35 3.43
FE3 VV2 D . 2.34 -3.90 3.74
FE5 VV2 D . 2.88 -0.89 1.06
FE FE2 E . 2.38 -3.96 0.84
FE FE2 E . 1.82 -3.33 1.13
C1 PEG F . 24.81 1.49 17.14
O1 PEG F . 24.56 0.80 18.35
C2 PEG F . 26.31 1.78 17.04
O2 PEG F . 26.72 1.92 15.70
C3 PEG F . 28.03 2.40 15.61
C4 PEG F . 28.23 3.14 14.28
O4 PEG F . 29.21 4.13 14.43
H11 PEG F . 24.52 0.97 16.38
H12 PEG F . 24.33 2.33 17.14
HO1 PEG F . 25.14 1.00 18.92
H21 PEG F . 26.51 2.60 17.52
H22 PEG F . 26.81 1.05 17.44
H31 PEG F . 28.22 3.01 16.33
H32 PEG F . 28.65 1.66 15.66
H41 PEG F . 28.50 2.51 13.59
H42 PEG F . 27.39 3.56 14.02
HO4 PEG F . 29.46 4.41 13.66
FE FE G . 2.67 -5.47 3.84
#